data_8IRV
#
_entry.id   8IRV
#
_cell.length_a   1.00
_cell.length_b   1.00
_cell.length_c   1.00
_cell.angle_alpha   90.00
_cell.angle_beta   90.00
_cell.angle_gamma   90.00
#
_symmetry.space_group_name_H-M   'P 1'
#
loop_
_entity.id
_entity.type
_entity.pdbx_description
1 polymer 'Guanine nucleotide-binding protein G(s) subunit alpha isoforms short'
2 polymer 'Guanine nucleotide-binding protein G(I)/G(S)/G(T) subunit beta-1'
3 polymer 'Guanine nucleotide-binding protein G(I)/G(S)/G(O) subunit gamma-2'
4 polymer 'Soluble cytochrome b562,D(1B) dopamine receptor'
5 non-polymer Rotigotine
6 non-polymer CHOLESTEROL
7 non-polymer 'PALMITIC ACID'
#
loop_
_entity_poly.entity_id
_entity_poly.type
_entity_poly.pdbx_seq_one_letter_code
_entity_poly.pdbx_strand_id
1 'polypeptide(L)'
;GCTLSAEDKAAVERSKMIEKQLQKDKQVYRATHRLLLLGADNSGKSTIVKQMRIYHVNGYSEEECKQYKAVVYSNTIQSI
IAIIRAMGRLKIDFGDSARADDARQLFVLAGAAEEGFMTAELAGVIKRLWKDSGVQACFNRSREYQLNDSAAYYLNDLDR
IAQPNYIPTQQDVLRTRVKTSGIFETKFQVDKVNFHMFDVGAQRDERRKWIQCFNDVTAIIFVVDSSDYNRLQEALNDFK
SIWNNRWLRTISVILFLNKQDLLAEKVLAGKSKIEDYFPEFARYTTPEDATPEPGEDPRVTRAKYFIRDEFLRISTASGD
GRHYCYPHFTCSVDTENARRIFNDCRDIIQRMHLRQYELL
;
A
2 'polypeptide(L)'
;MGSLLQSELDQLRQEAEQLKNQIRDARKACADATLSQITNNIDPVGRIQMRTRRTLRGHLAKIYAMHWGTDSRLLVSASQ
DGKLIIWDSYTTNKVHAIPLRSSWVMTCAYAPSGNYVACGGLDNICSIYNLKTREGNVRVSRELAGHTGYLSCCRFLDDN
QIVTSSGDTTCALWDIETGQQTTTFTGHTGDVMSLSLAPDTRLFVSGACDASAKLWDVREGMCRQTFTGHESDINAICFF
PNGNAFATGSDDATCRLFDLRADQELMTYSHDNIICGITSVSFSKSGRLLLAGYDDFNCNVWDALKADRAGVLAGHDNRV
SCLGVTDDGMAVATGSWDSFLKIWNGSS
;
B
3 'polypeptide(L)' MASNNTASIAQARKLVEQLKMEANIDRIKVSKAAADLMAYCEAHAKEDPLLTPVPASENPFREKKFFCAIL G
4 'polypeptide(L)'
;DYKDDDDAKLQTMHHHHHHHHHHADLEDNWETLNDNLKVIEKADNAAQVKDALTKMRAAALDAQKATPPKLEDKSPDSPE
MKDFRHGFDILVGQIDDALKLANEGKVKEAQAAAEQLKTTRNAYIQKYLASENLYFQGGTMLPPGSNGTAYPGQFALYQQ
LAQGNAVGGSAGAPPLGPSQVVTACLLTLLIIWTLLGNVLVCAAIVRSRHLRANMTNVFIVSLAVSDLFVALLVMPWKAV
AEVAGYWPFGAFCDVWVAFDIMCSTASILNLCVISVDRYWAISRPFRYKRKMTQRMALVMVGLAWTLSILISFIPVQLNW
HRDQAASWGGLDLPNNLANWTPWEEDFWEPDVNAENCDSSLNRTYAISSSLISFYIPVAIMIVTYTRIYRIAQVQIRRIS
SLERAAEHAQSCRSSAACAPDTSLRASIKKETKVLKTLSVIMGVFVCCWLPFFILNCMVPFCSGHPEGPPAGFPCVSETT
FDVFVWFGWANSSLNPVIYAFNADFQKVFAQLLGCSHFCSRTPVETVNISNELISYNQDIVFHKEIAAAYIHMMPNAVTP
GNREVDNDEEEGPFDRMFQIYQTSPDGDPVAESVWELDCEGEISLDKITPFTPNGFH
;
R
#
# COMPACT_ATOMS: atom_id res chain seq x y z
N CYS A 2 38.36 8.87 0.83
CA CYS A 2 37.23 9.27 1.70
C CYS A 2 37.68 9.43 3.17
N THR A 3 36.84 10.05 4.00
CA THR A 3 37.16 10.42 5.40
C THR A 3 36.87 9.32 6.44
N LEU A 4 36.47 8.11 6.03
CA LEU A 4 36.07 7.04 6.96
C LEU A 4 37.22 6.65 7.91
N SER A 5 36.95 6.66 9.22
CA SER A 5 37.78 5.97 10.21
C SER A 5 37.59 4.46 10.11
N ALA A 6 38.38 3.68 10.85
CA ALA A 6 38.16 2.24 10.98
C ALA A 6 36.74 1.90 11.52
N GLU A 7 36.20 2.74 12.39
CA GLU A 7 34.82 2.57 12.90
C GLU A 7 33.77 2.86 11.83
N ASP A 8 33.92 3.94 11.06
CA ASP A 8 32.98 4.24 9.98
C ASP A 8 33.06 3.20 8.86
N LYS A 9 34.28 2.74 8.53
CA LYS A 9 34.49 1.63 7.60
C LYS A 9 33.77 0.37 8.08
N ALA A 10 33.90 0.00 9.35
CA ALA A 10 33.18 -1.14 9.90
C ALA A 10 31.66 -0.97 9.83
N ALA A 11 31.13 0.23 10.12
CA ALA A 11 29.71 0.52 10.02
C ALA A 11 29.18 0.44 8.57
N VAL A 12 29.91 0.98 7.60
CA VAL A 12 29.55 0.91 6.17
C VAL A 12 29.67 -0.53 5.66
N GLU A 13 30.71 -1.26 6.04
CA GLU A 13 30.86 -2.68 5.66
C GLU A 13 29.72 -3.53 6.23
N ARG A 14 29.37 -3.35 7.50
CA ARG A 14 28.22 -3.99 8.15
C ARG A 14 26.93 -3.65 7.40
N SER A 15 26.71 -2.39 7.06
CA SER A 15 25.54 -1.98 6.27
C SER A 15 25.47 -2.69 4.94
N LYS A 16 26.57 -2.75 4.18
CA LYS A 16 26.61 -3.41 2.88
C LYS A 16 26.40 -4.92 2.98
N MET A 17 26.87 -5.57 4.04
CA MET A 17 26.55 -6.97 4.29
C MET A 17 25.05 -7.18 4.57
N ILE A 18 24.43 -6.34 5.40
CA ILE A 18 22.98 -6.38 5.64
C ILE A 18 22.20 -6.12 4.35
N GLU A 19 22.61 -5.14 3.55
CA GLU A 19 21.98 -4.88 2.26
C GLU A 19 22.08 -6.07 1.30
N LYS A 20 23.21 -6.80 1.29
CA LYS A 20 23.37 -8.05 0.52
C LYS A 20 22.33 -9.08 0.93
N GLN A 21 22.09 -9.26 2.23
CA GLN A 21 21.09 -10.20 2.74
C GLN A 21 19.67 -9.78 2.36
N LEU A 22 19.30 -8.51 2.56
CA LEU A 22 18.00 -7.97 2.15
C LEU A 22 17.76 -8.15 0.66
N GLN A 23 18.75 -7.87 -0.18
CA GLN A 23 18.63 -7.99 -1.62
C GLN A 23 18.39 -9.45 -2.06
N LYS A 24 18.98 -10.42 -1.36
CA LYS A 24 18.71 -11.85 -1.59
C LYS A 24 17.30 -12.25 -1.14
N ASP A 25 16.87 -11.83 0.05
CA ASP A 25 15.52 -12.14 0.55
C ASP A 25 14.39 -11.49 -0.26
N LYS A 26 14.63 -10.35 -0.91
CA LYS A 26 13.67 -9.75 -1.85
C LYS A 26 13.28 -10.69 -2.99
N GLN A 27 14.17 -11.56 -3.44
CA GLN A 27 13.82 -12.56 -4.45
C GLN A 27 12.78 -13.54 -3.91
N VAL A 28 12.97 -14.04 -2.70
CA VAL A 28 12.00 -14.94 -2.04
C VAL A 28 10.66 -14.25 -1.83
N TYR A 29 10.64 -12.99 -1.41
CA TYR A 29 9.41 -12.24 -1.19
C TYR A 29 8.58 -12.02 -2.47
N ARG A 30 9.21 -11.84 -3.65
CA ARG A 30 8.50 -11.80 -4.95
C ARG A 30 8.10 -13.18 -5.45
N ALA A 31 8.90 -14.20 -5.19
CA ALA A 31 8.68 -15.56 -5.66
C ALA A 31 7.62 -16.36 -4.88
N THR A 32 6.79 -15.72 -4.07
CA THR A 32 5.73 -16.38 -3.29
C THR A 32 4.46 -15.55 -3.20
N HIS A 33 3.32 -16.22 -3.15
CA HIS A 33 1.99 -15.62 -3.10
C HIS A 33 1.35 -15.84 -1.74
N ARG A 34 0.84 -14.79 -1.11
CA ARG A 34 0.28 -14.85 0.24
C ARG A 34 -1.23 -14.89 0.14
N LEU A 35 -1.86 -15.83 0.82
CA LEU A 35 -3.30 -16.08 0.77
C LEU A 35 -3.88 -16.06 2.19
N LEU A 36 -4.99 -15.37 2.41
CA LEU A 36 -5.68 -15.39 3.70
C LEU A 36 -6.83 -16.38 3.63
N LEU A 37 -6.89 -17.37 4.50
CA LEU A 37 -7.95 -18.38 4.53
C LEU A 37 -8.99 -18.04 5.60
N LEU A 38 -10.23 -17.78 5.20
CA LEU A 38 -11.36 -17.42 6.06
C LEU A 38 -12.49 -18.44 5.95
N GLY A 39 -13.34 -18.49 6.97
CA GLY A 39 -14.51 -19.36 7.01
C GLY A 39 -14.93 -19.68 8.44
N ALA A 40 -16.23 -19.80 8.67
CA ALA A 40 -16.81 -20.07 9.99
C ALA A 40 -16.43 -21.46 10.54
N ASP A 41 -16.77 -21.71 11.80
CA ASP A 41 -16.49 -22.96 12.53
C ASP A 41 -16.97 -24.24 11.81
N ASN A 42 -18.15 -24.21 11.19
CA ASN A 42 -18.71 -25.32 10.42
C ASN A 42 -18.08 -25.52 9.03
N SER A 43 -17.36 -24.53 8.49
CA SER A 43 -16.97 -24.46 7.06
C SER A 43 -16.14 -25.62 6.53
N GLY A 44 -15.36 -26.28 7.38
CA GLY A 44 -14.39 -27.30 6.94
C GLY A 44 -13.08 -26.74 6.43
N LYS A 45 -12.77 -25.44 6.64
CA LYS A 45 -11.46 -24.87 6.24
C LYS A 45 -10.27 -25.63 6.85
N SER A 46 -10.44 -26.15 8.06
CA SER A 46 -9.50 -26.98 8.79
C SER A 46 -9.15 -28.30 8.09
N THR A 47 -10.12 -28.94 7.42
CA THR A 47 -9.84 -30.16 6.65
C THR A 47 -9.26 -29.84 5.28
N ILE A 48 -9.65 -28.73 4.64
CA ILE A 48 -9.01 -28.26 3.39
C ILE A 48 -7.51 -28.03 3.60
N VAL A 49 -7.12 -27.30 4.65
CA VAL A 49 -5.70 -26.97 4.88
C VAL A 49 -4.87 -28.22 5.19
N LYS A 50 -5.39 -29.19 5.96
CA LYS A 50 -4.70 -30.48 6.16
C LYS A 50 -4.54 -31.28 4.88
N GLN A 51 -5.58 -31.38 4.06
CA GLN A 51 -5.52 -32.09 2.77
C GLN A 51 -4.59 -31.41 1.74
N MET A 52 -4.31 -30.11 1.85
CA MET A 52 -3.32 -29.44 1.00
C MET A 52 -1.87 -29.80 1.31
N ARG A 53 -1.56 -30.32 2.50
CA ARG A 53 -0.16 -30.54 2.92
C ARG A 53 0.59 -31.64 2.16
N ILE A 54 -0.11 -32.42 1.33
CA ILE A 54 0.53 -33.26 0.29
C ILE A 54 1.35 -32.43 -0.73
N TYR A 55 1.04 -31.15 -0.92
CA TYR A 55 1.76 -30.20 -1.79
C TYR A 55 2.86 -29.39 -1.07
N HIS A 56 3.12 -29.65 0.22
CA HIS A 56 4.11 -28.90 1.01
C HIS A 56 5.55 -29.10 0.51
N VAL A 178 3.50 -23.01 19.01
CA VAL A 178 2.48 -23.49 19.94
C VAL A 178 1.06 -23.32 19.37
N LYS A 179 0.18 -24.31 19.60
CA LYS A 179 -1.20 -24.36 19.07
C LYS A 179 -2.10 -23.20 19.54
N THR A 180 -1.71 -22.49 20.60
CA THR A 180 -2.40 -21.30 21.13
C THR A 180 -1.99 -19.99 20.44
N SER A 181 -1.01 -20.02 19.53
CA SER A 181 -0.62 -18.85 18.73
C SER A 181 -1.73 -18.39 17.80
N GLY A 182 -1.80 -17.09 17.54
CA GLY A 182 -2.93 -16.44 16.89
C GLY A 182 -3.01 -16.53 15.36
N ILE A 183 -2.08 -17.23 14.73
CA ILE A 183 -2.11 -17.48 13.28
C ILE A 183 -1.39 -18.78 12.95
N PHE A 184 -1.85 -19.50 11.93
CA PHE A 184 -1.20 -20.71 11.40
C PHE A 184 -0.81 -20.46 9.95
N GLU A 185 0.28 -21.08 9.50
CA GLU A 185 0.84 -20.86 8.18
C GLU A 185 1.12 -22.19 7.48
N THR A 186 0.71 -22.29 6.21
CA THR A 186 0.93 -23.47 5.37
C THR A 186 1.63 -23.08 4.09
N LYS A 187 2.82 -23.62 3.84
CA LYS A 187 3.47 -23.53 2.53
C LYS A 187 2.95 -24.65 1.63
N PHE A 188 2.71 -24.35 0.38
CA PHE A 188 2.54 -25.35 -0.67
C PHE A 188 3.05 -24.80 -2.01
N GLN A 189 3.35 -25.67 -2.97
CA GLN A 189 3.71 -25.21 -4.32
C GLN A 189 3.02 -26.02 -5.40
N VAL A 190 2.69 -25.35 -6.50
CA VAL A 190 2.08 -25.93 -7.69
C VAL A 190 2.84 -25.40 -8.91
N ASP A 191 3.23 -26.26 -9.84
CA ASP A 191 3.99 -25.87 -11.04
C ASP A 191 5.19 -24.94 -10.75
N LYS A 192 5.92 -25.24 -9.67
CA LYS A 192 7.08 -24.47 -9.17
C LYS A 192 6.77 -23.02 -8.76
N VAL A 193 5.51 -22.68 -8.46
CA VAL A 193 5.11 -21.42 -7.83
C VAL A 193 4.78 -21.66 -6.35
N ASN A 194 5.34 -20.85 -5.45
CA ASN A 194 5.12 -20.97 -4.01
C ASN A 194 3.88 -20.20 -3.55
N PHE A 195 3.14 -20.80 -2.62
CA PHE A 195 2.03 -20.16 -1.92
C PHE A 195 2.22 -20.30 -0.42
N HIS A 196 2.03 -19.21 0.32
CA HIS A 196 1.90 -19.19 1.76
C HIS A 196 0.44 -18.91 2.08
N MET A 197 -0.23 -19.82 2.76
CA MET A 197 -1.63 -19.68 3.14
C MET A 197 -1.75 -19.52 4.65
N PHE A 198 -2.38 -18.43 5.08
CA PHE A 198 -2.49 -18.04 6.48
C PHE A 198 -3.91 -18.27 6.98
N ASP A 199 -4.04 -19.09 8.00
CA ASP A 199 -5.29 -19.32 8.69
C ASP A 199 -5.26 -18.54 10.01
N VAL A 200 -6.06 -17.48 10.12
CA VAL A 200 -6.18 -16.74 11.36
C VAL A 200 -7.09 -17.49 12.32
N GLY A 201 -6.56 -17.92 13.46
CA GLY A 201 -7.28 -18.68 14.49
C GLY A 201 -6.69 -18.42 15.87
N ALA A 202 -7.47 -18.61 16.93
CA ALA A 202 -7.15 -18.08 18.27
C ALA A 202 -7.03 -16.53 18.31
N GLN A 203 -7.83 -15.84 17.50
CA GLN A 203 -8.21 -14.43 17.70
C GLN A 203 -9.62 -14.36 18.31
N ARG A 204 -10.04 -13.18 18.79
CA ARG A 204 -11.46 -12.89 19.03
C ARG A 204 -12.25 -12.82 17.71
N ASP A 205 -13.57 -12.95 17.81
CA ASP A 205 -14.50 -12.97 16.68
C ASP A 205 -14.75 -11.60 16.01
N GLU A 206 -14.34 -10.48 16.61
CA GLU A 206 -14.37 -9.17 15.97
C GLU A 206 -13.16 -8.96 15.05
N ARG A 207 -13.38 -9.10 13.74
CA ARG A 207 -12.36 -9.08 12.69
C ARG A 207 -11.84 -7.69 12.32
N ARG A 208 -12.61 -6.63 12.58
CA ARG A 208 -12.51 -5.35 11.87
C ARG A 208 -11.14 -4.66 11.89
N LYS A 209 -10.27 -5.01 12.82
CA LYS A 209 -8.96 -4.37 13.01
C LYS A 209 -7.80 -5.17 12.47
N TRP A 210 -7.66 -6.45 12.82
CA TRP A 210 -6.53 -7.26 12.35
C TRP A 210 -6.56 -7.51 10.84
N ILE A 211 -7.74 -7.44 10.21
CA ILE A 211 -7.89 -7.64 8.76
C ILE A 211 -7.10 -6.63 7.92
N GLN A 212 -6.77 -5.46 8.46
CA GLN A 212 -6.00 -4.44 7.76
C GLN A 212 -4.57 -4.90 7.40
N CYS A 213 -4.02 -5.90 8.08
CA CYS A 213 -2.75 -6.49 7.71
C CYS A 213 -2.79 -7.09 6.31
N PHE A 214 -3.93 -7.64 5.91
CA PHE A 214 -4.12 -8.35 4.65
C PHE A 214 -4.61 -7.41 3.54
N ASN A 215 -4.05 -6.20 3.48
CA ASN A 215 -4.29 -5.22 2.43
C ASN A 215 -3.56 -5.57 1.12
N ASP A 216 -2.72 -6.60 1.09
CA ASP A 216 -1.78 -6.88 0.01
C ASP A 216 -1.54 -8.38 -0.26
N VAL A 217 -2.42 -9.26 0.24
CA VAL A 217 -2.45 -10.68 -0.17
C VAL A 217 -2.83 -10.81 -1.65
N THR A 218 -2.49 -11.93 -2.27
CA THR A 218 -2.89 -12.23 -3.66
C THR A 218 -4.39 -12.46 -3.76
N ALA A 219 -4.96 -13.22 -2.83
CA ALA A 219 -6.38 -13.50 -2.73
C ALA A 219 -6.78 -13.82 -1.30
N ILE A 220 -8.06 -13.66 -1.00
CA ILE A 220 -8.71 -14.28 0.16
C ILE A 220 -9.34 -15.57 -0.32
N ILE A 221 -9.20 -16.65 0.42
CA ILE A 221 -9.95 -17.89 0.18
C ILE A 221 -11.03 -17.93 1.24
N PHE A 222 -12.28 -18.00 0.84
CA PHE A 222 -13.42 -17.95 1.75
C PHE A 222 -14.18 -19.27 1.65
N VAL A 223 -14.32 -19.99 2.76
CA VAL A 223 -14.92 -21.33 2.77
C VAL A 223 -16.29 -21.32 3.40
N VAL A 224 -17.28 -21.94 2.74
CA VAL A 224 -18.67 -22.02 3.20
C VAL A 224 -19.10 -23.47 3.30
N ASP A 225 -19.77 -23.87 4.38
CA ASP A 225 -20.48 -25.15 4.41
C ASP A 225 -21.84 -25.01 3.71
N SER A 226 -21.91 -25.47 2.48
CA SER A 226 -23.12 -25.42 1.67
C SER A 226 -24.29 -26.26 2.22
N SER A 227 -24.06 -27.16 3.16
CA SER A 227 -25.09 -28.03 3.72
C SER A 227 -25.88 -27.43 4.88
N ASP A 228 -25.49 -26.27 5.43
CA ASP A 228 -26.13 -25.66 6.61
C ASP A 228 -27.01 -24.45 6.26
N TYR A 229 -28.25 -24.68 5.83
CA TYR A 229 -29.18 -23.59 5.46
C TYR A 229 -29.45 -22.59 6.59
N ASN A 230 -29.43 -23.05 7.85
CA ASN A 230 -29.49 -22.18 9.04
C ASN A 230 -28.34 -21.17 9.08
N ARG A 231 -27.12 -21.62 8.80
CA ARG A 231 -25.89 -20.84 8.89
C ARG A 231 -25.62 -20.03 7.62
N LEU A 232 -26.20 -20.39 6.48
CA LEU A 232 -25.86 -19.82 5.18
C LEU A 232 -26.10 -18.30 5.10
N GLN A 233 -27.12 -17.75 5.76
CA GLN A 233 -27.27 -16.28 5.80
C GLN A 233 -26.17 -15.60 6.63
N GLU A 234 -25.64 -16.25 7.68
CA GLU A 234 -24.47 -15.74 8.39
C GLU A 234 -23.26 -15.71 7.47
N ALA A 235 -23.04 -16.78 6.70
CA ALA A 235 -21.97 -16.83 5.70
C ALA A 235 -22.12 -15.75 4.62
N LEU A 236 -23.34 -15.48 4.15
CA LEU A 236 -23.59 -14.39 3.21
C LEU A 236 -23.32 -13.02 3.84
N ASN A 237 -23.71 -12.79 5.10
CA ASN A 237 -23.42 -11.54 5.80
C ASN A 237 -21.91 -11.36 6.05
N ASP A 238 -21.22 -12.44 6.41
CA ASP A 238 -19.79 -12.50 6.61
C ASP A 238 -19.02 -12.24 5.31
N PHE A 239 -19.45 -12.84 4.20
CA PHE A 239 -18.91 -12.54 2.88
C PHE A 239 -19.15 -11.07 2.50
N LYS A 240 -20.34 -10.52 2.76
CA LYS A 240 -20.66 -9.13 2.40
C LYS A 240 -19.76 -8.13 3.13
N SER A 241 -19.43 -8.36 4.40
CA SER A 241 -18.57 -7.46 5.15
C SER A 241 -17.09 -7.61 4.77
N ILE A 242 -16.63 -8.79 4.36
CA ILE A 242 -15.33 -8.94 3.70
C ILE A 242 -15.31 -8.18 2.37
N TRP A 243 -16.29 -8.39 1.50
CA TRP A 243 -16.29 -7.86 0.15
C TRP A 243 -16.27 -6.32 0.11
N ASN A 244 -17.09 -5.67 0.94
CA ASN A 244 -17.24 -4.21 1.00
C ASN A 244 -16.29 -3.51 1.99
N ASN A 245 -15.26 -4.19 2.51
CA ASN A 245 -14.32 -3.61 3.46
C ASN A 245 -13.41 -2.55 2.83
N ARG A 246 -13.25 -1.38 3.46
CA ARG A 246 -12.39 -0.27 3.00
C ARG A 246 -10.97 -0.70 2.62
N TRP A 247 -10.38 -1.60 3.38
CA TRP A 247 -8.99 -2.02 3.22
C TRP A 247 -8.81 -3.18 2.26
N LEU A 248 -9.90 -3.78 1.78
CA LEU A 248 -9.88 -4.92 0.86
C LEU A 248 -10.43 -4.58 -0.54
N ARG A 249 -10.52 -3.28 -0.88
CA ARG A 249 -11.04 -2.72 -2.15
C ARG A 249 -10.42 -3.27 -3.42
N THR A 250 -9.31 -4.00 -3.33
CA THR A 250 -8.58 -4.54 -4.48
C THR A 250 -8.26 -6.03 -4.32
N ILE A 251 -8.87 -6.72 -3.35
CA ILE A 251 -8.57 -8.13 -3.05
C ILE A 251 -9.71 -8.99 -3.56
N SER A 252 -9.42 -9.88 -4.48
CA SER A 252 -10.37 -10.84 -5.03
C SER A 252 -10.55 -12.05 -4.13
N VAL A 253 -11.76 -12.59 -4.09
CA VAL A 253 -12.11 -13.71 -3.21
C VAL A 253 -12.27 -14.98 -4.02
N ILE A 254 -11.62 -16.06 -3.61
CA ILE A 254 -11.89 -17.41 -4.10
C ILE A 254 -12.91 -18.05 -3.17
N LEU A 255 -14.15 -18.29 -3.61
CA LEU A 255 -15.13 -19.03 -2.82
C LEU A 255 -14.98 -20.52 -3.01
N PHE A 256 -14.79 -21.25 -1.92
CA PHE A 256 -15.01 -22.68 -1.90
C PHE A 256 -16.37 -22.96 -1.26
N LEU A 257 -17.32 -23.42 -2.06
CA LEU A 257 -18.63 -23.88 -1.63
C LEU A 257 -18.48 -25.36 -1.28
N ASN A 258 -18.20 -25.62 -0.02
CA ASN A 258 -17.67 -26.88 0.47
C ASN A 258 -18.75 -27.87 0.92
N LYS A 259 -18.36 -29.13 1.08
CA LYS A 259 -19.21 -30.27 1.49
C LYS A 259 -20.38 -30.51 0.51
N GLN A 260 -20.05 -30.48 -0.77
CA GLN A 260 -21.03 -30.71 -1.84
C GLN A 260 -21.66 -32.10 -1.78
N ASP A 261 -20.94 -33.10 -1.26
CA ASP A 261 -21.51 -34.41 -0.95
C ASP A 261 -22.67 -34.29 0.07
N LEU A 262 -22.48 -33.61 1.19
CA LEU A 262 -23.56 -33.41 2.17
C LEU A 262 -24.71 -32.58 1.60
N LEU A 263 -24.46 -31.63 0.69
CA LEU A 263 -25.55 -30.93 0.01
C LEU A 263 -26.35 -31.90 -0.87
N ALA A 264 -25.68 -32.79 -1.61
CA ALA A 264 -26.34 -33.83 -2.36
C ALA A 264 -27.17 -34.74 -1.44
N GLU A 265 -26.63 -35.23 -0.33
CA GLU A 265 -27.39 -36.03 0.63
C GLU A 265 -28.64 -35.31 1.14
N LYS A 266 -28.53 -34.06 1.58
CA LYS A 266 -29.67 -33.33 2.14
C LYS A 266 -30.76 -32.98 1.12
N VAL A 267 -30.43 -32.95 -0.18
CA VAL A 267 -31.41 -32.79 -1.26
C VAL A 267 -32.00 -34.14 -1.71
N LEU A 268 -31.16 -35.17 -1.89
CA LEU A 268 -31.58 -36.52 -2.31
C LEU A 268 -32.38 -37.27 -1.23
N ALA A 269 -32.23 -36.91 0.05
CA ALA A 269 -33.12 -37.37 1.12
C ALA A 269 -34.58 -36.90 0.97
N GLY A 270 -34.86 -35.98 0.04
CA GLY A 270 -36.22 -35.51 -0.27
C GLY A 270 -36.82 -34.57 0.79
N LYS A 271 -36.02 -34.05 1.72
CA LYS A 271 -36.51 -33.22 2.85
C LYS A 271 -37.14 -31.90 2.41
N SER A 272 -36.74 -31.37 1.26
CA SER A 272 -37.40 -30.30 0.49
C SER A 272 -37.68 -29.03 1.32
N LYS A 273 -36.62 -28.36 1.79
CA LYS A 273 -36.73 -27.29 2.80
C LYS A 273 -35.93 -26.00 2.56
N ILE A 274 -35.16 -25.88 1.47
CA ILE A 274 -34.38 -24.66 1.20
C ILE A 274 -35.29 -23.43 1.12
N GLU A 275 -36.49 -23.57 0.56
CA GLU A 275 -37.51 -22.52 0.47
C GLU A 275 -37.98 -21.98 1.84
N ASP A 276 -37.81 -22.75 2.92
CA ASP A 276 -38.16 -22.31 4.27
C ASP A 276 -37.22 -21.18 4.76
N TYR A 277 -35.96 -21.24 4.33
CA TYR A 277 -34.91 -20.27 4.62
C TYR A 277 -34.81 -19.19 3.54
N PHE A 278 -34.95 -19.57 2.27
CA PHE A 278 -34.77 -18.72 1.10
C PHE A 278 -35.97 -18.83 0.16
N PRO A 279 -37.03 -18.01 0.32
CA PRO A 279 -38.26 -18.13 -0.47
C PRO A 279 -38.06 -17.91 -1.98
N GLU A 280 -37.04 -17.16 -2.43
CA GLU A 280 -36.74 -17.07 -3.87
C GLU A 280 -36.31 -18.39 -4.51
N PHE A 281 -35.97 -19.43 -3.74
CA PHE A 281 -35.73 -20.74 -4.33
C PHE A 281 -37.01 -21.37 -4.93
N ALA A 282 -38.21 -20.86 -4.63
CA ALA A 282 -39.42 -21.19 -5.36
C ALA A 282 -39.52 -20.51 -6.75
N ARG A 283 -38.85 -19.36 -6.95
CA ARG A 283 -38.75 -18.67 -8.25
C ARG A 283 -37.61 -19.21 -9.13
N TYR A 284 -36.45 -19.43 -8.51
CA TYR A 284 -35.18 -19.64 -9.18
C TYR A 284 -35.14 -20.87 -10.10
N THR A 285 -34.43 -20.76 -11.23
CA THR A 285 -34.15 -21.89 -12.14
C THR A 285 -32.72 -21.81 -12.68
N THR A 286 -32.14 -22.96 -12.99
CA THR A 286 -30.70 -23.14 -13.22
C THR A 286 -30.18 -22.36 -14.43
N PRO A 287 -29.03 -21.66 -14.35
CA PRO A 287 -28.41 -20.99 -15.47
C PRO A 287 -28.06 -21.94 -16.62
N GLU A 288 -28.21 -21.51 -17.87
CA GLU A 288 -27.77 -22.29 -19.03
C GLU A 288 -26.24 -22.38 -19.14
N ASP A 289 -25.53 -21.46 -18.48
CA ASP A 289 -24.09 -21.53 -18.26
C ASP A 289 -23.64 -22.66 -17.31
N ALA A 290 -24.57 -23.33 -16.60
CA ALA A 290 -24.24 -24.40 -15.66
C ALA A 290 -23.65 -25.64 -16.35
N THR A 291 -22.69 -26.28 -15.70
CA THR A 291 -22.02 -27.50 -16.17
C THR A 291 -22.04 -28.58 -15.08
N PRO A 292 -23.20 -29.22 -14.82
CA PRO A 292 -23.28 -30.31 -13.85
C PRO A 292 -22.38 -31.48 -14.22
N GLU A 293 -21.92 -32.22 -13.22
CA GLU A 293 -21.13 -33.44 -13.42
C GLU A 293 -22.02 -34.62 -13.86
N PRO A 294 -21.47 -35.67 -14.49
CA PRO A 294 -22.25 -36.78 -15.02
C PRO A 294 -23.11 -37.47 -13.94
N GLY A 295 -24.41 -37.59 -14.20
CA GLY A 295 -25.36 -38.21 -13.29
C GLY A 295 -25.82 -37.37 -12.10
N GLU A 296 -25.44 -36.08 -11.99
CA GLU A 296 -26.00 -35.20 -10.97
C GLU A 296 -27.51 -34.95 -11.18
N ASP A 297 -28.29 -35.03 -10.11
CA ASP A 297 -29.73 -34.82 -10.14
C ASP A 297 -30.10 -33.33 -10.41
N PRO A 298 -31.15 -33.03 -11.18
CA PRO A 298 -31.60 -31.65 -11.41
C PRO A 298 -31.91 -30.86 -10.13
N ARG A 299 -32.41 -31.50 -9.08
CA ARG A 299 -32.66 -30.86 -7.76
C ARG A 299 -31.34 -30.42 -7.12
N VAL A 300 -30.36 -31.32 -7.09
CA VAL A 300 -29.02 -31.06 -6.55
C VAL A 300 -28.37 -29.93 -7.34
N THR A 301 -28.48 -29.98 -8.66
CA THR A 301 -27.95 -28.94 -9.55
C THR A 301 -28.63 -27.60 -9.31
N ARG A 302 -29.96 -27.54 -9.21
CA ARG A 302 -30.67 -26.29 -8.94
C ARG A 302 -30.29 -25.73 -7.57
N ALA A 303 -30.13 -26.58 -6.56
CA ALA A 303 -29.68 -26.17 -5.23
C ALA A 303 -28.25 -25.59 -5.23
N LYS A 304 -27.26 -26.32 -5.77
CA LYS A 304 -25.87 -25.88 -5.74
C LYS A 304 -25.66 -24.59 -6.52
N TYR A 305 -26.27 -24.43 -7.69
CA TYR A 305 -26.19 -23.18 -8.42
C TYR A 305 -26.99 -22.06 -7.74
N PHE A 306 -28.09 -22.36 -7.03
CA PHE A 306 -28.83 -21.32 -6.31
C PHE A 306 -27.95 -20.65 -5.26
N ILE A 307 -27.33 -21.44 -4.38
CA ILE A 307 -26.50 -20.88 -3.30
C ILE A 307 -25.29 -20.15 -3.87
N ARG A 308 -24.64 -20.70 -4.91
CA ARG A 308 -23.54 -19.99 -5.60
C ARG A 308 -23.97 -18.60 -6.03
N ASP A 309 -25.11 -18.51 -6.68
CA ASP A 309 -25.60 -17.26 -7.23
C ASP A 309 -25.98 -16.23 -6.16
N GLU A 310 -26.19 -16.60 -4.90
CA GLU A 310 -26.34 -15.62 -3.81
C GLU A 310 -25.04 -14.88 -3.52
N PHE A 311 -23.90 -15.56 -3.52
CA PHE A 311 -22.62 -14.88 -3.40
C PHE A 311 -22.28 -14.06 -4.65
N LEU A 312 -22.68 -14.52 -5.84
CA LEU A 312 -22.55 -13.71 -7.04
C LEU A 312 -23.45 -12.48 -6.99
N ARG A 313 -24.65 -12.57 -6.43
CA ARG A 313 -25.54 -11.42 -6.19
C ARG A 313 -24.82 -10.34 -5.39
N ILE A 314 -24.12 -10.72 -4.33
CA ILE A 314 -23.37 -9.79 -3.47
C ILE A 314 -22.13 -9.24 -4.18
N SER A 315 -21.28 -10.10 -4.72
CA SER A 315 -19.99 -9.68 -5.26
C SER A 315 -20.13 -8.82 -6.52
N THR A 316 -21.05 -9.13 -7.42
CA THR A 316 -21.21 -8.36 -8.67
C THR A 316 -21.86 -6.99 -8.46
N ALA A 317 -22.44 -6.70 -7.30
CA ALA A 317 -23.10 -5.42 -7.01
C ALA A 317 -22.15 -4.25 -6.70
N SER A 318 -20.87 -4.52 -6.40
CA SER A 318 -19.89 -3.51 -5.94
C SER A 318 -18.50 -3.74 -6.56
N GLY A 319 -17.66 -2.71 -6.55
CA GLY A 319 -16.21 -2.84 -6.78
C GLY A 319 -15.74 -2.66 -8.23
N ASP A 320 -16.63 -2.39 -9.18
CA ASP A 320 -16.33 -1.91 -10.54
C ASP A 320 -15.09 -2.53 -11.22
N GLY A 321 -15.02 -3.86 -11.21
CA GLY A 321 -13.96 -4.64 -11.85
C GLY A 321 -12.57 -4.54 -11.22
N ARG A 322 -12.43 -3.82 -10.11
CA ARG A 322 -11.18 -3.71 -9.35
C ARG A 322 -10.85 -4.97 -8.55
N HIS A 323 -11.85 -5.78 -8.23
CA HIS A 323 -11.72 -7.14 -7.69
C HIS A 323 -12.88 -8.03 -8.13
N TYR A 324 -12.63 -9.33 -8.22
CA TYR A 324 -13.55 -10.34 -8.75
C TYR A 324 -13.70 -11.52 -7.79
N CYS A 325 -14.80 -12.25 -7.91
CA CYS A 325 -15.10 -13.43 -7.10
C CYS A 325 -15.00 -14.70 -7.95
N TYR A 326 -14.36 -15.75 -7.45
CA TYR A 326 -14.08 -16.99 -8.18
C TYR A 326 -14.70 -18.18 -7.46
N PRO A 327 -15.93 -18.61 -7.77
CA PRO A 327 -16.58 -19.69 -7.06
C PRO A 327 -16.16 -21.08 -7.55
N HIS A 328 -16.07 -22.03 -6.64
CA HIS A 328 -15.86 -23.45 -6.91
C HIS A 328 -16.75 -24.31 -6.04
N PHE A 329 -17.18 -25.45 -6.58
CA PHE A 329 -17.88 -26.49 -5.84
C PHE A 329 -16.87 -27.54 -5.40
N THR A 330 -16.82 -27.90 -4.11
CA THR A 330 -15.75 -28.77 -3.59
C THR A 330 -16.17 -29.63 -2.40
N CYS A 331 -15.41 -30.69 -2.16
CA CYS A 331 -15.36 -31.43 -0.91
C CYS A 331 -13.94 -31.33 -0.35
N SER A 332 -13.73 -31.30 0.98
CA SER A 332 -12.40 -31.09 1.55
C SER A 332 -11.34 -32.11 1.10
N VAL A 333 -11.76 -33.34 0.76
CA VAL A 333 -10.88 -34.40 0.23
C VAL A 333 -10.40 -34.17 -1.21
N ASP A 334 -10.86 -33.13 -1.91
CA ASP A 334 -10.43 -32.82 -3.28
C ASP A 334 -8.93 -32.46 -3.34
N THR A 335 -8.09 -33.36 -3.87
CA THR A 335 -6.67 -33.07 -4.17
C THR A 335 -6.49 -32.03 -5.27
N GLU A 336 -7.55 -31.75 -6.03
CA GLU A 336 -7.62 -30.66 -7.00
C GLU A 336 -7.62 -29.26 -6.35
N ASN A 337 -7.80 -29.11 -5.04
CA ASN A 337 -7.95 -27.78 -4.46
C ASN A 337 -6.71 -26.90 -4.61
N ALA A 338 -5.48 -27.42 -4.49
CA ALA A 338 -4.30 -26.60 -4.77
C ALA A 338 -4.23 -26.14 -6.24
N ARG A 339 -4.64 -27.00 -7.18
CA ARG A 339 -4.75 -26.66 -8.60
C ARG A 339 -5.78 -25.57 -8.84
N ARG A 340 -6.92 -25.59 -8.15
CA ARG A 340 -7.92 -24.51 -8.21
C ARG A 340 -7.36 -23.18 -7.70
N ILE A 341 -6.58 -23.17 -6.62
CA ILE A 341 -5.93 -21.94 -6.15
C ILE A 341 -4.94 -21.42 -7.18
N PHE A 342 -4.09 -22.29 -7.75
CA PHE A 342 -3.14 -21.89 -8.77
C PHE A 342 -3.82 -21.27 -9.99
N ASN A 343 -4.85 -21.93 -10.53
CA ASN A 343 -5.56 -21.43 -11.69
C ASN A 343 -6.22 -20.07 -11.44
N ASP A 344 -6.80 -19.86 -10.27
CA ASP A 344 -7.40 -18.58 -9.94
C ASP A 344 -6.38 -17.50 -9.63
N CYS A 345 -5.25 -17.79 -9.00
CA CYS A 345 -4.20 -16.80 -8.85
C CYS A 345 -3.65 -16.36 -10.19
N ARG A 346 -3.49 -17.27 -11.15
CA ARG A 346 -3.11 -16.93 -12.52
C ARG A 346 -4.13 -15.99 -13.15
N ASP A 347 -5.42 -16.28 -13.07
CA ASP A 347 -6.46 -15.36 -13.56
C ASP A 347 -6.49 -14.02 -12.81
N ILE A 348 -6.25 -14.01 -11.51
CA ILE A 348 -6.23 -12.80 -10.69
C ILE A 348 -5.10 -11.87 -11.13
N ILE A 349 -3.91 -12.39 -11.38
CA ILE A 349 -2.79 -11.58 -11.87
C ILE A 349 -3.00 -11.15 -13.32
N GLN A 350 -3.53 -11.99 -14.23
CA GLN A 350 -3.85 -11.54 -15.58
C GLN A 350 -4.84 -10.39 -15.60
N ARG A 351 -5.95 -10.45 -14.86
CA ARG A 351 -6.91 -9.35 -14.83
C ARG A 351 -6.33 -8.08 -14.22
N MET A 352 -5.41 -8.20 -13.29
CA MET A 352 -4.69 -7.10 -12.68
C MET A 352 -3.76 -6.40 -13.66
N HIS A 353 -2.97 -7.15 -14.42
CA HIS A 353 -2.17 -6.60 -15.53
C HIS A 353 -3.05 -6.01 -16.63
N LEU A 354 -4.10 -6.70 -17.09
CA LEU A 354 -5.04 -6.17 -18.08
C LEU A 354 -5.69 -4.85 -17.66
N ARG A 355 -5.98 -4.61 -16.37
CA ARG A 355 -6.48 -3.29 -15.92
C ARG A 355 -5.43 -2.20 -15.96
N GLN A 356 -4.15 -2.46 -15.69
CA GLN A 356 -3.13 -1.41 -15.74
C GLN A 356 -3.07 -0.75 -17.12
N TYR A 357 -3.23 -1.56 -18.16
CA TYR A 357 -3.19 -1.13 -19.55
C TYR A 357 -4.56 -0.73 -20.11
N GLU A 358 -5.60 -0.66 -19.29
CA GLU A 358 -6.98 -0.36 -19.71
C GLU A 358 -7.55 -1.28 -20.80
N LEU A 359 -7.19 -2.57 -20.70
CA LEU A 359 -7.81 -3.68 -21.43
C LEU A 359 -8.90 -4.39 -20.59
N LEU A 360 -9.15 -3.93 -19.36
CA LEU A 360 -10.34 -4.16 -18.53
C LEU A 360 -10.74 -2.86 -17.79
N GLU B 8 -32.40 -10.69 40.73
CA GLU B 8 -32.45 -9.61 39.71
C GLU B 8 -31.14 -8.80 39.72
N LEU B 9 -30.70 -8.30 38.55
CA LEU B 9 -29.46 -7.52 38.38
C LEU B 9 -29.63 -6.00 38.58
N ASP B 10 -30.84 -5.46 38.37
CA ASP B 10 -31.01 -4.07 37.94
C ASP B 10 -30.56 -2.99 38.95
N GLN B 11 -30.54 -3.28 40.25
CA GLN B 11 -29.96 -2.40 41.26
C GLN B 11 -28.51 -2.02 40.93
N LEU B 12 -27.72 -2.94 40.35
CA LEU B 12 -26.35 -2.66 39.91
C LEU B 12 -26.35 -1.71 38.70
N ARG B 13 -27.32 -1.83 37.79
CA ARG B 13 -27.47 -0.90 36.65
C ARG B 13 -27.89 0.49 37.14
N GLN B 14 -28.80 0.57 38.10
CA GLN B 14 -29.23 1.82 38.73
C GLN B 14 -28.04 2.51 39.43
N GLU B 15 -27.27 1.77 40.23
CA GLU B 15 -26.08 2.28 40.89
C GLU B 15 -25.03 2.77 39.87
N ALA B 16 -24.73 1.99 38.84
CA ALA B 16 -23.82 2.40 37.78
C ALA B 16 -24.29 3.69 37.07
N GLU B 17 -25.57 3.78 36.71
CA GLU B 17 -26.12 4.96 36.05
C GLU B 17 -26.05 6.21 36.94
N GLN B 18 -26.39 6.10 38.23
CA GLN B 18 -26.27 7.22 39.16
C GLN B 18 -24.81 7.61 39.43
N LEU B 19 -23.88 6.65 39.50
CA LEU B 19 -22.45 6.95 39.60
C LEU B 19 -21.96 7.73 38.37
N LYS B 20 -22.37 7.35 37.16
CA LYS B 20 -22.11 8.13 35.95
C LYS B 20 -22.73 9.53 36.02
N ASN B 21 -23.99 9.66 36.45
CA ASN B 21 -24.65 10.96 36.61
C ASN B 21 -23.88 11.88 37.58
N GLN B 22 -23.41 11.33 38.71
CA GLN B 22 -22.57 12.05 39.66
C GLN B 22 -21.28 12.55 38.99
N ILE B 23 -20.60 11.73 38.21
CA ILE B 23 -19.30 12.10 37.63
C ILE B 23 -19.40 13.00 36.39
N ARG B 24 -20.48 12.90 35.61
CA ARG B 24 -20.84 13.94 34.64
C ARG B 24 -21.03 15.29 35.32
N ASP B 25 -21.75 15.34 36.44
CA ASP B 25 -21.89 16.56 37.24
C ASP B 25 -20.56 17.04 37.84
N ALA B 26 -19.75 16.14 38.40
CA ALA B 26 -18.45 16.49 39.00
C ALA B 26 -17.47 17.07 37.98
N ARG B 27 -17.44 16.52 36.75
CA ARG B 27 -16.64 17.07 35.65
C ARG B 27 -17.14 18.44 35.22
N LYS B 28 -18.45 18.64 35.09
CA LYS B 28 -19.04 19.98 34.83
C LYS B 28 -18.77 20.99 35.96
N ALA B 29 -18.74 20.56 37.22
CA ALA B 29 -18.34 21.41 38.34
C ALA B 29 -16.85 21.85 38.28
N CYS B 30 -15.98 21.04 37.66
CA CYS B 30 -14.59 21.41 37.40
C CYS B 30 -14.42 22.30 36.16
N ALA B 31 -15.39 22.31 35.24
CA ALA B 31 -15.32 22.98 33.94
C ALA B 31 -15.54 24.51 34.00
N ASP B 32 -14.77 25.23 34.80
CA ASP B 32 -14.89 26.69 34.99
C ASP B 32 -14.39 27.51 33.79
N ALA B 33 -13.68 26.88 32.86
CA ALA B 33 -13.01 27.51 31.72
C ALA B 33 -12.83 26.50 30.57
N THR B 34 -12.07 26.89 29.55
CA THR B 34 -11.54 25.99 28.52
C THR B 34 -10.10 26.36 28.19
N LEU B 35 -9.32 25.43 27.67
CA LEU B 35 -7.97 25.75 27.19
C LEU B 35 -8.02 26.80 26.08
N SER B 36 -8.97 26.70 25.15
CA SER B 36 -9.15 27.67 24.07
C SER B 36 -9.43 29.09 24.57
N GLN B 37 -10.14 29.25 25.69
CA GLN B 37 -10.36 30.56 26.32
C GLN B 37 -9.07 31.11 26.93
N ILE B 38 -8.44 30.38 27.86
CA ILE B 38 -7.22 30.88 28.55
C ILE B 38 -6.00 31.00 27.61
N THR B 39 -6.02 30.33 26.46
CA THR B 39 -5.00 30.47 25.41
C THR B 39 -5.12 31.79 24.62
N ASN B 40 -6.20 32.56 24.74
CA ASN B 40 -6.48 33.70 23.84
C ASN B 40 -5.34 34.72 23.68
N ASN B 41 -4.58 35.01 24.74
CA ASN B 41 -3.45 35.96 24.73
C ASN B 41 -2.12 35.36 24.27
N ILE B 42 -2.02 34.04 24.04
CA ILE B 42 -0.79 33.37 23.64
C ILE B 42 -0.41 33.74 22.21
N ASP B 43 0.85 34.10 22.00
CA ASP B 43 1.42 34.33 20.67
C ASP B 43 1.56 33.00 19.91
N PRO B 44 0.89 32.79 18.76
CA PRO B 44 0.96 31.51 18.04
C PRO B 44 2.37 31.16 17.58
N VAL B 45 2.62 29.86 17.37
CA VAL B 45 3.86 29.42 16.72
C VAL B 45 3.90 29.86 15.25
N GLY B 46 5.10 30.11 14.73
CA GLY B 46 5.32 30.36 13.31
C GLY B 46 4.99 29.12 12.46
N ARG B 47 4.81 29.30 11.15
CA ARG B 47 4.53 28.18 10.24
C ARG B 47 5.70 27.20 10.25
N ILE B 48 5.43 25.96 10.66
CA ILE B 48 6.46 24.95 10.96
C ILE B 48 6.86 24.26 9.65
N GLN B 49 7.69 24.93 8.85
CA GLN B 49 8.10 24.45 7.52
C GLN B 49 9.22 23.39 7.62
N MET B 50 8.92 22.25 8.22
CA MET B 50 9.84 21.10 8.33
C MET B 50 10.07 20.44 6.97
N ARG B 51 11.25 19.85 6.77
CA ARG B 51 11.66 19.18 5.52
C ARG B 51 12.39 17.87 5.80
N THR B 52 12.24 16.90 4.89
CA THR B 52 12.87 15.58 4.98
C THR B 52 14.39 15.68 4.92
N ARG B 53 15.09 15.20 5.95
CA ARG B 53 16.55 15.19 6.05
C ARG B 53 17.21 13.84 5.83
N ARG B 54 16.47 12.74 5.87
CA ARG B 54 16.92 11.38 5.53
C ARG B 54 15.74 10.61 4.95
N THR B 55 16.01 9.58 4.16
CA THR B 55 15.01 8.58 3.77
C THR B 55 15.63 7.21 3.91
N LEU B 56 15.29 6.53 5.00
CA LEU B 56 15.72 5.18 5.31
C LEU B 56 14.90 4.23 4.45
N ARG B 57 15.57 3.46 3.58
CA ARG B 57 14.95 2.52 2.63
C ARG B 57 15.62 1.16 2.67
N GLY B 58 14.84 0.09 2.49
CA GLY B 58 15.32 -1.29 2.58
C GLY B 58 14.26 -2.32 3.00
N HIS B 59 13.20 -1.89 3.67
CA HIS B 59 12.04 -2.75 3.95
C HIS B 59 11.26 -3.07 2.67
N LEU B 60 10.75 -4.30 2.56
CA LEU B 60 10.09 -4.80 1.35
C LEU B 60 8.60 -4.51 1.36
N ALA B 61 7.93 -4.76 2.48
CA ALA B 61 6.51 -4.51 2.70
C ALA B 61 6.25 -3.20 3.44
N LYS B 62 4.97 -2.90 3.67
CA LYS B 62 4.50 -1.81 4.54
C LYS B 62 5.19 -1.82 5.90
N ILE B 63 5.71 -0.67 6.32
CA ILE B 63 6.26 -0.47 7.67
C ILE B 63 5.10 -0.24 8.61
N TYR B 64 5.06 -0.95 9.73
CA TYR B 64 3.81 -1.03 10.50
C TYR B 64 4.03 -0.45 11.91
N ALA B 65 5.27 -0.38 12.38
CA ALA B 65 5.68 0.33 13.59
C ALA B 65 7.15 0.79 13.53
N MET B 66 7.51 1.80 14.31
CA MET B 66 8.87 2.23 14.58
C MET B 66 9.00 2.79 16.00
N HIS B 67 10.21 2.82 16.55
CA HIS B 67 10.48 3.42 17.86
C HIS B 67 11.92 3.90 17.95
N TRP B 68 12.16 5.04 18.59
CA TRP B 68 13.49 5.60 18.81
C TRP B 68 14.20 5.00 20.01
N GLY B 69 15.51 4.89 19.93
CA GLY B 69 16.36 4.72 21.10
C GLY B 69 16.46 5.99 21.93
N THR B 70 16.71 5.85 23.22
CA THR B 70 16.96 6.97 24.14
C THR B 70 18.20 7.77 23.78
N ASP B 71 19.15 7.17 23.06
CA ASP B 71 20.34 7.86 22.54
C ASP B 71 20.04 8.86 21.41
N SER B 72 18.84 8.86 20.83
CA SER B 72 18.44 9.68 19.69
C SER B 72 19.23 9.42 18.39
N ARG B 73 20.09 8.38 18.36
CA ARG B 73 20.75 7.88 17.14
C ARG B 73 19.95 6.77 16.52
N LEU B 74 19.61 5.75 17.29
CA LEU B 74 19.14 4.49 16.71
C LEU B 74 17.61 4.41 16.64
N LEU B 75 17.12 3.71 15.62
CA LEU B 75 15.71 3.43 15.35
C LEU B 75 15.51 1.94 15.22
N VAL B 76 14.45 1.38 15.79
CA VAL B 76 13.87 0.14 15.26
C VAL B 76 12.75 0.47 14.30
N SER B 77 12.53 -0.37 13.31
CA SER B 77 11.26 -0.43 12.62
C SER B 77 10.96 -1.83 12.16
N ALA B 78 9.67 -2.12 12.00
CA ALA B 78 9.15 -3.41 11.64
C ALA B 78 8.26 -3.31 10.40
N SER B 79 8.33 -4.29 9.51
CA SER B 79 7.46 -4.37 8.35
C SER B 79 6.93 -5.78 8.17
N GLN B 80 5.81 -5.91 7.48
CA GLN B 80 5.13 -7.19 7.38
C GLN B 80 5.72 -8.16 6.35
N ASP B 81 6.92 -7.90 5.85
CA ASP B 81 7.73 -8.91 5.19
C ASP B 81 8.49 -9.79 6.19
N GLY B 82 8.49 -9.41 7.48
CA GLY B 82 9.12 -10.17 8.55
C GLY B 82 10.54 -9.74 8.90
N LYS B 83 10.99 -8.54 8.54
CA LYS B 83 12.23 -7.95 9.05
C LYS B 83 11.94 -6.88 10.09
N LEU B 84 12.70 -6.93 11.17
CA LEU B 84 12.88 -5.80 12.08
C LEU B 84 14.26 -5.24 11.82
N ILE B 85 14.40 -3.98 11.44
CA ILE B 85 15.67 -3.36 11.05
C ILE B 85 16.05 -2.31 12.07
N ILE B 86 17.33 -2.25 12.42
CA ILE B 86 17.88 -1.23 13.31
C ILE B 86 18.76 -0.28 12.50
N TRP B 87 18.46 1.01 12.54
CA TRP B 87 19.07 2.02 11.69
C TRP B 87 19.86 3.02 12.53
N ASP B 88 21.01 3.46 12.05
CA ASP B 88 21.65 4.66 12.54
C ASP B 88 21.08 5.86 11.81
N SER B 89 20.33 6.70 12.52
CA SER B 89 19.64 7.83 11.92
C SER B 89 20.58 8.87 11.32
N TYR B 90 21.79 9.05 11.85
CA TYR B 90 22.70 10.11 11.39
C TYR B 90 23.34 9.71 10.06
N THR B 91 23.90 8.51 9.99
CA THR B 91 24.65 8.00 8.83
C THR B 91 23.82 7.16 7.87
N THR B 92 22.55 6.88 8.18
CA THR B 92 21.65 5.96 7.47
C THR B 92 22.22 4.54 7.26
N ASN B 93 23.12 4.09 8.13
CA ASN B 93 23.63 2.71 8.17
C ASN B 93 22.60 1.75 8.75
N LYS B 94 22.53 0.51 8.25
CA LYS B 94 21.74 -0.57 8.86
C LYS B 94 22.59 -1.32 9.87
N VAL B 95 22.36 -1.10 11.17
CA VAL B 95 23.14 -1.68 12.26
C VAL B 95 22.80 -3.17 12.46
N HIS B 96 21.53 -3.54 12.35
CA HIS B 96 21.06 -4.93 12.36
C HIS B 96 19.86 -5.11 11.45
N ALA B 97 19.62 -6.33 10.96
CA ALA B 97 18.35 -6.73 10.40
C ALA B 97 17.99 -8.13 10.92
N ILE B 98 16.83 -8.24 11.55
CA ILE B 98 16.42 -9.41 12.32
C ILE B 98 15.28 -10.11 11.59
N PRO B 99 15.42 -11.39 11.19
CA PRO B 99 14.32 -12.16 10.64
C PRO B 99 13.36 -12.61 11.75
N LEU B 100 12.13 -12.11 11.72
CA LEU B 100 11.06 -12.52 12.62
C LEU B 100 10.52 -13.90 12.22
N ARG B 101 9.97 -14.66 13.17
CA ARG B 101 9.39 -15.99 12.88
C ARG B 101 7.97 -15.93 12.33
N SER B 102 7.22 -14.87 12.60
CA SER B 102 5.94 -14.58 11.95
C SER B 102 6.03 -13.29 11.14
N SER B 103 5.43 -13.26 9.95
CA SER B 103 5.48 -12.08 9.08
C SER B 103 4.62 -10.94 9.63
N TRP B 104 3.54 -11.25 10.34
CA TRP B 104 2.45 -10.33 10.65
C TRP B 104 2.68 -9.54 11.93
N VAL B 105 3.88 -8.97 12.06
CA VAL B 105 4.24 -8.04 13.13
C VAL B 105 3.39 -6.78 13.06
N MET B 106 2.97 -6.26 14.20
CA MET B 106 2.11 -5.07 14.32
C MET B 106 2.66 -4.02 15.28
N THR B 107 3.68 -4.36 16.06
CA THR B 107 4.32 -3.45 16.99
C THR B 107 5.78 -3.83 17.20
N CYS B 108 6.62 -2.87 17.53
CA CYS B 108 7.94 -3.08 18.06
C CYS B 108 8.29 -1.97 19.04
N ALA B 109 9.23 -2.24 19.93
CA ALA B 109 9.69 -1.33 20.96
C ALA B 109 11.15 -1.58 21.26
N TYR B 110 11.83 -0.58 21.81
CA TYR B 110 13.27 -0.62 22.02
C TYR B 110 13.62 -0.13 23.41
N ALA B 111 14.41 -0.90 24.15
CA ALA B 111 14.60 -0.73 25.58
C ALA B 111 15.31 0.59 25.92
N PRO B 112 15.02 1.23 27.07
CA PRO B 112 15.62 2.50 27.42
C PRO B 112 17.14 2.43 27.64
N SER B 113 17.69 1.24 27.84
CA SER B 113 19.14 0.95 27.87
C SER B 113 19.78 0.78 26.48
N GLY B 114 19.00 0.51 25.43
CA GLY B 114 19.48 0.04 24.13
C GLY B 114 19.89 -1.43 24.07
N ASN B 115 19.71 -2.22 25.13
CA ASN B 115 20.15 -3.62 25.15
C ASN B 115 19.22 -4.58 24.39
N TYR B 116 17.92 -4.32 24.35
CA TYR B 116 16.91 -5.24 23.83
C TYR B 116 15.92 -4.54 22.91
N VAL B 117 15.34 -5.28 21.97
CA VAL B 117 14.14 -4.90 21.21
C VAL B 117 13.07 -5.94 21.40
N ALA B 118 11.81 -5.53 21.35
CA ALA B 118 10.64 -6.39 21.44
C ALA B 118 9.77 -6.20 20.21
N CYS B 119 9.03 -7.21 19.79
CA CYS B 119 7.97 -7.07 18.80
C CYS B 119 6.94 -8.19 18.89
N GLY B 120 5.78 -7.99 18.29
CA GLY B 120 4.73 -9.01 18.19
C GLY B 120 3.62 -8.61 17.25
N GLY B 121 2.64 -9.48 17.06
CA GLY B 121 1.50 -9.19 16.20
C GLY B 121 0.50 -10.32 16.19
N LEU B 122 0.09 -10.78 15.01
CA LEU B 122 -0.98 -11.79 14.88
C LEU B 122 -0.63 -13.16 15.45
N ASP B 123 0.61 -13.43 15.79
CA ASP B 123 1.01 -14.66 16.49
C ASP B 123 0.63 -14.68 17.98
N ASN B 124 0.10 -13.58 18.54
CA ASN B 124 -0.22 -13.38 19.95
C ASN B 124 0.98 -13.42 20.91
N ILE B 125 2.21 -13.32 20.43
CA ILE B 125 3.44 -13.53 21.22
C ILE B 125 4.30 -12.26 21.16
N CYS B 126 4.93 -11.88 22.27
CA CYS B 126 5.95 -10.84 22.26
C CYS B 126 7.33 -11.49 22.26
N SER B 127 8.15 -11.25 21.25
CA SER B 127 9.49 -11.83 21.15
C SER B 127 10.51 -10.78 21.50
N ILE B 128 11.41 -11.10 22.43
CA ILE B 128 12.45 -10.20 22.93
C ILE B 128 13.77 -10.61 22.30
N TYR B 129 14.50 -9.69 21.67
CA TYR B 129 15.78 -9.93 21.04
C TYR B 129 16.89 -9.21 21.78
N ASN B 130 17.97 -9.91 22.12
CA ASN B 130 19.14 -9.32 22.75
C ASN B 130 20.09 -8.76 21.69
N LEU B 131 20.35 -7.46 21.69
CA LEU B 131 21.24 -6.85 20.70
C LEU B 131 22.72 -7.01 21.02
N LYS B 132 23.07 -7.22 22.30
CA LYS B 132 24.44 -7.15 22.82
C LYS B 132 24.93 -8.50 23.36
N THR B 133 24.49 -9.57 22.70
CA THR B 133 24.95 -10.95 22.96
C THR B 133 26.44 -11.12 22.61
N ARG B 134 27.14 -12.03 23.30
CA ARG B 134 28.60 -12.24 23.18
C ARG B 134 29.08 -12.45 21.74
N GLU B 135 28.43 -13.34 20.99
CA GLU B 135 28.79 -13.64 19.59
C GLU B 135 28.35 -12.55 18.60
N GLY B 136 27.64 -11.52 19.04
CA GLY B 136 27.20 -10.38 18.23
C GLY B 136 26.03 -10.66 17.28
N ASN B 137 25.90 -11.88 16.76
CA ASN B 137 24.78 -12.30 15.93
C ASN B 137 23.51 -12.44 16.79
N VAL B 138 22.56 -11.51 16.63
CA VAL B 138 21.40 -11.35 17.53
C VAL B 138 20.40 -12.50 17.45
N ARG B 139 19.78 -12.84 18.58
CA ARG B 139 18.84 -13.96 18.73
C ARG B 139 17.77 -13.68 19.79
N VAL B 140 16.69 -14.46 19.75
CA VAL B 140 15.60 -14.37 20.71
C VAL B 140 16.10 -14.72 22.11
N SER B 141 15.89 -13.81 23.05
CA SER B 141 16.09 -14.03 24.48
C SER B 141 14.92 -14.82 25.06
N ARG B 142 13.68 -14.35 24.89
CA ARG B 142 12.48 -15.03 25.36
C ARG B 142 11.25 -14.68 24.53
N GLU B 143 10.25 -15.54 24.56
CA GLU B 143 8.95 -15.32 23.92
C GLU B 143 7.84 -15.32 24.97
N LEU B 144 7.12 -14.21 25.08
CA LEU B 144 6.07 -13.99 26.06
C LEU B 144 4.72 -14.41 25.48
N ALA B 145 4.46 -15.71 25.49
CA ALA B 145 3.16 -16.29 25.16
C ALA B 145 2.18 -16.15 26.35
N GLY B 146 0.90 -15.91 26.08
CA GLY B 146 -0.14 -15.86 27.11
C GLY B 146 -1.31 -14.92 26.81
N HIS B 147 -1.15 -13.93 25.94
CA HIS B 147 -2.28 -13.19 25.38
C HIS B 147 -3.12 -14.10 24.46
N THR B 148 -4.44 -13.91 24.43
CA THR B 148 -5.39 -14.71 23.64
C THR B 148 -5.92 -13.96 22.42
N GLY B 149 -5.11 -13.03 21.91
CA GLY B 149 -5.37 -12.20 20.76
C GLY B 149 -4.08 -11.49 20.36
N TYR B 150 -4.07 -10.87 19.19
CA TYR B 150 -2.85 -10.31 18.62
C TYR B 150 -2.29 -9.18 19.48
N LEU B 151 -0.97 -9.01 19.53
CA LEU B 151 -0.37 -7.89 20.25
C LEU B 151 -0.47 -6.60 19.47
N SER B 152 -1.06 -5.57 20.07
CA SER B 152 -1.22 -4.26 19.46
C SER B 152 -0.14 -3.28 19.84
N CYS B 153 0.46 -3.38 21.04
CA CYS B 153 1.53 -2.50 21.48
C CYS B 153 2.46 -3.16 22.52
N CYS B 154 3.69 -2.66 22.64
CA CYS B 154 4.71 -3.06 23.61
C CYS B 154 5.42 -1.82 24.14
N ARG B 155 5.74 -1.74 25.44
CA ARG B 155 6.70 -0.75 25.96
C ARG B 155 7.52 -1.32 27.12
N PHE B 156 8.85 -1.21 27.06
CA PHE B 156 9.70 -1.55 28.20
C PHE B 156 9.61 -0.48 29.29
N LEU B 157 9.48 -0.91 30.54
CA LEU B 157 9.71 -0.07 31.72
C LEU B 157 11.19 -0.11 32.12
N ASP B 158 11.81 -1.28 32.02
CA ASP B 158 13.24 -1.53 32.21
C ASP B 158 13.61 -2.86 31.54
N ASP B 159 14.89 -3.24 31.47
CA ASP B 159 15.33 -4.47 30.80
C ASP B 159 14.71 -5.77 31.33
N ASN B 160 13.98 -5.76 32.45
CA ASN B 160 13.26 -6.90 33.00
C ASN B 160 11.74 -6.67 33.15
N GLN B 161 11.19 -5.53 32.75
CA GLN B 161 9.73 -5.32 32.73
C GLN B 161 9.23 -4.72 31.42
N ILE B 162 8.21 -5.33 30.85
CA ILE B 162 7.53 -4.87 29.64
C ILE B 162 6.02 -4.91 29.84
N VAL B 163 5.31 -3.89 29.36
CA VAL B 163 3.85 -3.84 29.32
C VAL B 163 3.39 -4.01 27.89
N THR B 164 2.38 -4.85 27.67
CA THR B 164 1.83 -5.16 26.36
C THR B 164 0.33 -4.98 26.35
N SER B 165 -0.24 -4.58 25.22
CA SER B 165 -1.68 -4.55 24.99
C SER B 165 -2.07 -5.48 23.87
N SER B 166 -3.32 -5.92 23.85
CA SER B 166 -3.75 -7.02 22.99
C SER B 166 -5.17 -6.88 22.46
N GLY B 167 -5.43 -7.52 21.34
CA GLY B 167 -6.75 -7.72 20.79
C GLY B 167 -7.69 -8.54 21.65
N ASP B 168 -7.17 -9.28 22.65
CA ASP B 168 -7.97 -9.97 23.67
C ASP B 168 -8.62 -9.02 24.69
N THR B 169 -8.57 -7.72 24.47
CA THR B 169 -9.11 -6.63 25.30
C THR B 169 -8.32 -6.32 26.57
N THR B 170 -7.22 -7.02 26.87
CA THR B 170 -6.41 -6.77 28.07
C THR B 170 -5.11 -6.01 27.79
N CYS B 171 -4.52 -5.45 28.84
CA CYS B 171 -3.08 -5.22 28.92
C CYS B 171 -2.47 -6.21 29.92
N ALA B 172 -1.17 -6.42 29.86
CA ALA B 172 -0.45 -7.21 30.84
C ALA B 172 0.94 -6.66 31.08
N LEU B 173 1.47 -6.86 32.29
CA LEU B 173 2.86 -6.57 32.62
C LEU B 173 3.60 -7.87 32.87
N TRP B 174 4.81 -7.99 32.34
CA TRP B 174 5.58 -9.22 32.34
C TRP B 174 6.92 -9.04 33.01
N ASP B 175 7.44 -10.12 33.58
CA ASP B 175 8.83 -10.21 34.03
C ASP B 175 9.64 -10.99 32.98
N ILE B 176 10.65 -10.35 32.39
CA ILE B 176 11.36 -10.94 31.24
C ILE B 176 12.15 -12.20 31.64
N GLU B 177 12.76 -12.20 32.83
CA GLU B 177 13.52 -13.35 33.32
C GLU B 177 12.64 -14.58 33.56
N THR B 178 11.46 -14.39 34.16
CA THR B 178 10.51 -15.47 34.41
C THR B 178 9.77 -15.89 33.14
N GLY B 179 9.50 -14.96 32.23
CA GLY B 179 8.70 -15.21 31.04
C GLY B 179 7.20 -15.34 31.31
N GLN B 180 6.67 -14.66 32.33
CA GLN B 180 5.24 -14.74 32.70
C GLN B 180 4.65 -13.38 33.08
N GLN B 181 3.32 -13.27 33.02
CA GLN B 181 2.59 -12.09 33.45
C GLN B 181 2.66 -11.95 34.96
N THR B 182 3.07 -10.78 35.46
CA THR B 182 3.05 -10.47 36.89
C THR B 182 1.92 -9.52 37.28
N THR B 183 1.20 -8.94 36.32
CA THR B 183 -0.08 -8.24 36.52
C THR B 183 -0.88 -8.26 35.21
N THR B 184 -2.21 -8.22 35.27
CA THR B 184 -3.05 -8.01 34.08
C THR B 184 -4.11 -6.95 34.34
N PHE B 185 -4.50 -6.24 33.29
CA PHE B 185 -5.38 -5.09 33.34
C PHE B 185 -6.58 -5.35 32.43
N THR B 186 -7.80 -5.33 32.98
CA THR B 186 -8.94 -6.03 32.37
C THR B 186 -10.21 -5.21 32.22
N GLY B 187 -10.22 -3.94 32.63
CA GLY B 187 -11.41 -3.08 32.55
C GLY B 187 -11.81 -2.60 31.15
N HIS B 188 -10.92 -2.66 30.15
CA HIS B 188 -11.28 -2.34 28.76
C HIS B 188 -12.26 -3.37 28.18
N THR B 189 -13.12 -2.92 27.28
CA THR B 189 -13.93 -3.81 26.45
C THR B 189 -13.69 -3.51 24.97
N GLY B 190 -13.82 -4.51 24.13
CA GLY B 190 -13.23 -4.41 22.79
C GLY B 190 -11.70 -4.31 22.81
N ASP B 191 -11.16 -4.31 21.61
CA ASP B 191 -9.75 -4.49 21.28
C ASP B 191 -8.87 -3.32 21.78
N VAL B 192 -7.82 -3.56 22.59
CA VAL B 192 -6.95 -2.47 23.08
C VAL B 192 -5.90 -2.14 22.04
N MET B 193 -5.92 -0.92 21.53
CA MET B 193 -5.15 -0.54 20.34
C MET B 193 -3.79 0.06 20.60
N SER B 194 -3.64 0.81 21.68
CA SER B 194 -2.48 1.67 21.88
C SER B 194 -2.25 1.93 23.35
N LEU B 195 -1.05 2.37 23.69
CA LEU B 195 -0.48 2.24 25.03
C LEU B 195 0.68 3.21 25.17
N SER B 196 0.79 3.94 26.26
CA SER B 196 1.97 4.79 26.51
C SER B 196 2.27 4.94 27.99
N LEU B 197 3.50 4.67 28.40
CA LEU B 197 3.98 4.87 29.76
C LEU B 197 4.03 6.36 30.09
N ALA B 198 3.74 6.72 31.34
CA ALA B 198 4.02 8.05 31.86
C ALA B 198 5.54 8.29 31.98
N PRO B 199 6.02 9.54 32.01
CA PRO B 199 7.44 9.84 32.14
C PRO B 199 8.12 9.23 33.38
N ASP B 200 7.39 9.07 34.49
CA ASP B 200 7.85 8.40 35.71
C ASP B 200 7.77 6.86 35.68
N THR B 201 7.12 6.26 34.67
CA THR B 201 6.83 4.83 34.55
C THR B 201 6.05 4.20 35.71
N ARG B 202 5.32 5.00 36.51
CA ARG B 202 4.40 4.52 37.55
C ARG B 202 2.94 4.44 37.09
N LEU B 203 2.59 5.22 36.07
CA LEU B 203 1.31 5.19 35.40
C LEU B 203 1.47 4.82 33.93
N PHE B 204 0.42 4.29 33.30
CA PHE B 204 0.31 4.27 31.84
C PHE B 204 -1.12 4.50 31.40
N VAL B 205 -1.32 4.95 30.17
CA VAL B 205 -2.65 5.04 29.57
C VAL B 205 -2.74 4.07 28.40
N SER B 206 -3.95 3.59 28.14
CA SER B 206 -4.27 2.78 26.96
C SER B 206 -5.55 3.28 26.33
N GLY B 207 -5.67 3.09 25.02
CA GLY B 207 -6.87 3.40 24.24
C GLY B 207 -7.38 2.18 23.52
N ALA B 208 -8.68 2.08 23.29
CA ALA B 208 -9.30 0.88 22.76
C ALA B 208 -10.49 1.15 21.85
N CYS B 209 -10.96 0.09 21.21
CA CYS B 209 -12.13 0.09 20.34
C CYS B 209 -13.47 0.34 21.07
N ASP B 210 -13.54 0.29 22.40
CA ASP B 210 -14.68 0.83 23.18
C ASP B 210 -14.79 2.36 23.11
N ALA B 211 -13.95 3.03 22.32
CA ALA B 211 -13.91 4.48 22.17
C ALA B 211 -13.56 5.22 23.47
N SER B 212 -12.90 4.54 24.41
CA SER B 212 -12.45 5.10 25.67
C SER B 212 -10.95 4.95 25.85
N ALA B 213 -10.39 5.79 26.70
CA ALA B 213 -9.03 5.63 27.21
C ALA B 213 -9.08 5.41 28.71
N LYS B 214 -8.15 4.63 29.24
CA LYS B 214 -8.07 4.32 30.67
C LYS B 214 -6.68 4.58 31.20
N LEU B 215 -6.60 5.05 32.44
CA LEU B 215 -5.36 5.28 33.17
C LEU B 215 -5.16 4.18 34.20
N TRP B 216 -3.98 3.59 34.24
CA TRP B 216 -3.65 2.45 35.07
C TRP B 216 -2.44 2.76 35.95
N ASP B 217 -2.40 2.22 37.17
CA ASP B 217 -1.17 2.20 37.96
C ASP B 217 -0.47 0.86 37.81
N VAL B 218 0.80 0.93 37.43
CA VAL B 218 1.66 -0.19 37.04
C VAL B 218 1.77 -1.26 38.13
N ARG B 219 1.66 -0.89 39.41
CA ARG B 219 1.89 -1.78 40.56
C ARG B 219 0.68 -1.98 41.46
N GLU B 220 -0.27 -1.05 41.48
CA GLU B 220 -1.61 -1.33 42.03
C GLU B 220 -2.40 -2.29 41.14
N GLY B 221 -2.14 -2.31 39.82
CA GLY B 221 -2.75 -3.25 38.89
C GLY B 221 -4.22 -2.95 38.54
N MET B 222 -4.65 -1.69 38.69
CA MET B 222 -6.06 -1.30 38.56
C MET B 222 -6.24 -0.03 37.72
N CYS B 223 -7.43 0.13 37.12
CA CYS B 223 -7.85 1.36 36.49
C CYS B 223 -8.10 2.44 37.54
N ARG B 224 -7.68 3.67 37.29
CA ARG B 224 -7.82 4.81 38.20
C ARG B 224 -8.72 5.92 37.65
N GLN B 225 -8.78 6.09 36.33
CA GLN B 225 -9.66 7.04 35.65
C GLN B 225 -10.06 6.49 34.28
N THR B 226 -11.20 6.91 33.76
CA THR B 226 -11.67 6.55 32.41
C THR B 226 -12.14 7.78 31.66
N PHE B 227 -11.78 7.89 30.39
CA PHE B 227 -12.04 9.07 29.53
C PHE B 227 -12.76 8.61 28.26
N THR B 228 -13.75 9.36 27.77
CA THR B 228 -14.76 8.84 26.84
C THR B 228 -15.18 9.81 25.72
N GLY B 229 -14.39 10.86 25.47
CA GLY B 229 -14.78 11.96 24.57
C GLY B 229 -14.91 11.61 23.09
N HIS B 230 -14.20 10.59 22.58
CA HIS B 230 -14.33 10.16 21.19
C HIS B 230 -15.67 9.49 20.92
N GLU B 231 -16.27 9.78 19.77
CA GLU B 231 -17.50 9.11 19.33
C GLU B 231 -17.20 7.75 18.67
N SER B 232 -15.93 7.39 18.52
CA SER B 232 -15.49 6.18 17.80
C SER B 232 -14.11 5.69 18.22
N ASP B 233 -13.63 4.67 17.54
CA ASP B 233 -12.48 3.82 17.85
C ASP B 233 -11.11 4.55 17.95
N ILE B 234 -10.33 4.32 19.01
CA ILE B 234 -9.08 5.05 19.30
C ILE B 234 -7.86 4.25 18.86
N ASN B 235 -7.08 4.76 17.92
CA ASN B 235 -5.92 4.09 17.33
C ASN B 235 -4.59 4.45 17.98
N ALA B 236 -4.46 5.61 18.58
CA ALA B 236 -3.21 6.13 19.11
C ALA B 236 -3.39 6.96 20.37
N ILE B 237 -2.38 6.95 21.23
CA ILE B 237 -2.35 7.67 22.50
C ILE B 237 -0.92 8.09 22.82
N CYS B 238 -0.71 9.22 23.49
CA CYS B 238 0.60 9.72 23.87
C CYS B 238 0.53 10.63 25.10
N PHE B 239 1.42 10.47 26.07
CA PHE B 239 1.53 11.42 27.19
C PHE B 239 2.13 12.76 26.77
N PHE B 240 1.55 13.85 27.26
CA PHE B 240 2.14 15.19 27.22
C PHE B 240 3.39 15.21 28.11
N PRO B 241 4.50 15.87 27.76
CA PRO B 241 5.80 15.62 28.40
C PRO B 241 5.88 15.85 29.91
N ASN B 242 5.02 16.71 30.46
CA ASN B 242 4.86 16.96 31.89
C ASN B 242 4.28 15.77 32.69
N GLY B 243 3.68 14.78 32.02
CA GLY B 243 3.03 13.61 32.64
C GLY B 243 1.61 13.84 33.17
N ASN B 244 1.08 15.07 33.15
CA ASN B 244 -0.22 15.42 33.71
C ASN B 244 -1.40 15.38 32.71
N ALA B 245 -1.12 15.19 31.42
CA ALA B 245 -2.10 15.21 30.34
C ALA B 245 -1.70 14.23 29.24
N PHE B 246 -2.62 13.87 28.34
CA PHE B 246 -2.33 13.02 27.20
C PHE B 246 -3.20 13.35 26.00
N ALA B 247 -2.70 13.09 24.80
CA ALA B 247 -3.45 13.20 23.56
C ALA B 247 -3.85 11.82 23.03
N THR B 248 -4.87 11.81 22.21
CA THR B 248 -5.46 10.61 21.60
C THR B 248 -5.78 10.87 20.14
N GLY B 249 -5.82 9.83 19.32
CA GLY B 249 -6.19 9.91 17.92
C GLY B 249 -6.96 8.66 17.49
N SER B 250 -7.93 8.83 16.60
CA SER B 250 -9.02 7.87 16.42
C SER B 250 -9.50 7.81 14.97
N ASP B 251 -10.31 6.79 14.67
CA ASP B 251 -11.09 6.70 13.44
C ASP B 251 -12.14 7.82 13.33
N ASP B 252 -12.30 8.61 14.38
CA ASP B 252 -13.20 9.74 14.51
C ASP B 252 -12.80 10.93 13.62
N ALA B 253 -11.60 10.89 13.04
CA ALA B 253 -10.91 12.02 12.40
C ALA B 253 -10.59 13.20 13.34
N THR B 254 -10.55 12.98 14.67
CA THR B 254 -10.23 14.00 15.67
C THR B 254 -9.04 13.57 16.52
N CYS B 255 -8.19 14.52 16.93
CA CYS B 255 -7.40 14.33 18.15
C CYS B 255 -8.11 14.99 19.33
N ARG B 256 -7.93 14.47 20.54
CA ARG B 256 -8.44 15.08 21.78
C ARG B 256 -7.36 15.02 22.84
N LEU B 257 -7.21 16.10 23.62
CA LEU B 257 -6.28 16.18 24.75
C LEU B 257 -7.07 16.16 26.07
N PHE B 258 -6.62 15.36 27.02
CA PHE B 258 -7.24 15.16 28.33
C PHE B 258 -6.24 15.48 29.44
N ASP B 259 -6.72 15.98 30.58
CA ASP B 259 -5.89 16.21 31.77
C ASP B 259 -6.28 15.29 32.93
N LEU B 260 -5.30 14.70 33.62
CA LEU B 260 -5.48 13.71 34.67
C LEU B 260 -6.10 14.25 35.97
N ARG B 261 -6.33 15.56 36.09
CA ARG B 261 -6.86 16.20 37.31
C ARG B 261 -8.18 16.92 37.01
N ALA B 262 -8.32 17.50 35.84
CA ALA B 262 -9.60 17.97 35.32
C ALA B 262 -10.52 16.81 34.92
N ASP B 263 -9.98 15.61 34.65
CA ASP B 263 -10.72 14.37 34.37
C ASP B 263 -11.67 14.46 33.14
N GLN B 264 -11.29 15.23 32.11
CA GLN B 264 -12.16 15.52 30.95
C GLN B 264 -11.39 16.00 29.72
N GLU B 265 -12.04 16.06 28.54
CA GLU B 265 -11.51 16.73 27.36
C GLU B 265 -11.14 18.18 27.72
N LEU B 266 -9.86 18.51 27.60
CA LEU B 266 -9.36 19.86 27.76
C LEU B 266 -9.28 20.61 26.42
N MET B 267 -9.09 19.88 25.32
CA MET B 267 -9.00 20.44 23.96
C MET B 267 -9.35 19.40 22.89
N THR B 268 -9.79 19.84 21.72
CA THR B 268 -10.02 18.98 20.53
C THR B 268 -9.42 19.60 19.27
N TYR B 269 -8.87 18.76 18.40
CA TYR B 269 -8.19 19.17 17.17
C TYR B 269 -8.89 18.51 15.99
N SER B 270 -9.46 19.33 15.13
CA SER B 270 -10.22 18.90 13.96
C SER B 270 -10.25 20.02 12.92
N HIS B 271 -10.44 19.68 11.66
CA HIS B 271 -10.63 20.62 10.57
C HIS B 271 -11.57 20.02 9.52
N ASP B 272 -12.34 20.85 8.83
CA ASP B 272 -13.36 20.36 7.88
C ASP B 272 -12.76 19.64 6.66
N ASN B 273 -11.49 19.88 6.36
CA ASN B 273 -10.77 19.24 5.25
C ASN B 273 -10.41 17.75 5.53
N ILE B 274 -10.41 17.31 6.78
CA ILE B 274 -9.98 15.96 7.20
C ILE B 274 -11.16 15.12 7.71
N ILE B 275 -11.35 13.95 7.12
CA ILE B 275 -12.47 13.04 7.41
C ILE B 275 -12.05 11.58 7.62
N CYS B 276 -10.77 11.26 7.44
CA CYS B 276 -10.21 9.93 7.59
C CYS B 276 -9.55 9.73 8.98
N GLY B 277 -9.20 8.50 9.32
CA GLY B 277 -8.68 8.15 10.64
C GLY B 277 -7.29 8.69 10.94
N ILE B 278 -7.00 8.85 12.23
CA ILE B 278 -5.69 9.23 12.75
C ILE B 278 -5.01 7.97 13.24
N THR B 279 -3.78 7.73 12.81
CA THR B 279 -3.07 6.47 13.02
C THR B 279 -2.08 6.50 14.17
N SER B 280 -1.60 7.68 14.53
CA SER B 280 -0.44 7.89 15.39
C SER B 280 -0.40 9.33 15.87
N VAL B 281 0.13 9.59 17.06
CA VAL B 281 0.31 10.94 17.62
C VAL B 281 1.61 11.03 18.41
N SER B 282 2.16 12.22 18.60
CA SER B 282 3.31 12.53 19.48
C SER B 282 3.39 14.01 19.80
N PHE B 283 4.16 14.39 20.82
CA PHE B 283 4.43 15.78 21.18
C PHE B 283 5.89 16.16 20.95
N SER B 284 6.15 17.43 20.64
CA SER B 284 7.49 18.01 20.71
C SER B 284 8.00 18.11 22.16
N LYS B 285 9.29 18.38 22.39
CA LYS B 285 9.89 18.24 23.73
C LYS B 285 9.30 19.16 24.78
N SER B 286 8.89 20.37 24.43
CA SER B 286 8.18 21.31 25.32
C SER B 286 6.69 21.02 25.46
N GLY B 287 6.15 20.09 24.68
CA GLY B 287 4.70 19.85 24.54
C GLY B 287 3.99 20.83 23.62
N ARG B 288 4.67 21.84 23.06
CA ARG B 288 4.03 22.95 22.35
C ARG B 288 3.34 22.53 21.05
N LEU B 289 3.88 21.54 20.35
CA LEU B 289 3.34 20.98 19.11
C LEU B 289 2.79 19.58 19.36
N LEU B 290 1.63 19.27 18.79
CA LEU B 290 1.10 17.91 18.67
C LEU B 290 1.20 17.49 17.19
N LEU B 291 1.91 16.40 16.92
CA LEU B 291 2.13 15.85 15.59
C LEU B 291 1.25 14.63 15.41
N ALA B 292 0.49 14.55 14.33
CA ALA B 292 -0.47 13.48 14.10
C ALA B 292 -0.38 12.91 12.69
N GLY B 293 -0.34 11.59 12.54
CA GLY B 293 -0.33 10.89 11.26
C GLY B 293 -1.72 10.40 10.85
N TYR B 294 -2.02 10.37 9.55
CA TYR B 294 -3.38 10.14 9.04
C TYR B 294 -3.42 9.09 7.94
N ASP B 295 -4.61 8.55 7.70
CA ASP B 295 -4.98 7.84 6.47
C ASP B 295 -5.08 8.77 5.24
N ASP B 296 -4.73 10.06 5.38
CA ASP B 296 -4.66 11.10 4.35
C ASP B 296 -3.32 11.13 3.60
N PHE B 297 -2.46 10.15 3.85
CA PHE B 297 -1.06 9.99 3.41
C PHE B 297 -0.07 11.02 3.97
N ASN B 298 -0.49 11.93 4.86
CA ASN B 298 0.33 13.03 5.38
C ASN B 298 0.16 13.20 6.91
N CYS B 299 1.05 13.97 7.53
CA CYS B 299 0.96 14.34 8.94
C CYS B 299 0.58 15.80 9.10
N ASN B 300 -0.39 16.11 9.96
CA ASN B 300 -0.67 17.49 10.35
C ASN B 300 0.10 17.82 11.63
N VAL B 301 0.60 19.04 11.74
CA VAL B 301 1.22 19.56 12.97
C VAL B 301 0.32 20.62 13.56
N TRP B 302 -0.06 20.45 14.81
CA TRP B 302 -1.01 21.30 15.52
C TRP B 302 -0.32 22.13 16.58
N ASP B 303 -0.69 23.39 16.71
CA ASP B 303 -0.42 24.15 17.93
C ASP B 303 -1.23 23.49 19.05
N ALA B 304 -0.55 22.88 20.03
CA ALA B 304 -1.21 22.09 21.05
C ALA B 304 -2.15 22.90 21.96
N LEU B 305 -1.91 24.20 22.11
CA LEU B 305 -2.71 25.08 22.97
C LEU B 305 -3.88 25.72 22.20
N LYS B 306 -3.63 26.18 20.97
CA LYS B 306 -4.63 26.88 20.13
C LYS B 306 -5.50 25.96 19.28
N ALA B 307 -5.02 24.77 18.95
CA ALA B 307 -5.61 23.87 17.95
C ALA B 307 -5.67 24.44 16.51
N ASP B 308 -4.75 25.33 16.17
CA ASP B 308 -4.49 25.73 14.78
C ASP B 308 -3.53 24.74 14.12
N ARG B 309 -3.69 24.46 12.82
CA ARG B 309 -2.67 23.71 12.06
C ARG B 309 -1.46 24.58 11.79
N ALA B 310 -0.38 24.33 12.51
CA ALA B 310 0.88 25.05 12.38
C ALA B 310 1.71 24.57 11.18
N GLY B 311 1.41 23.43 10.57
CA GLY B 311 2.13 22.91 9.40
C GLY B 311 1.68 21.53 8.96
N VAL B 312 2.32 21.00 7.92
CA VAL B 312 2.05 19.67 7.34
C VAL B 312 3.36 19.00 6.93
N LEU B 313 3.48 17.69 7.12
CA LEU B 313 4.56 16.87 6.55
C LEU B 313 3.94 16.00 5.45
N ALA B 314 4.37 16.14 4.20
CA ALA B 314 3.62 15.65 3.04
C ALA B 314 4.33 14.55 2.22
N GLY B 315 5.42 13.99 2.73
CA GLY B 315 6.39 13.22 1.94
C GLY B 315 6.08 11.75 1.67
N HIS B 316 4.87 11.25 1.90
CA HIS B 316 4.54 9.82 1.82
C HIS B 316 3.51 9.49 0.74
N ASP B 317 3.65 8.32 0.13
CA ASP B 317 2.83 7.85 -0.99
C ASP B 317 1.65 6.97 -0.57
N ASN B 318 1.59 6.56 0.70
CA ASN B 318 0.59 5.66 1.26
C ASN B 318 0.39 5.97 2.74
N ARG B 319 -0.55 5.30 3.41
CA ARG B 319 -0.96 5.54 4.81
C ARG B 319 0.23 5.72 5.74
N VAL B 320 0.25 6.78 6.53
CA VAL B 320 1.28 7.01 7.56
C VAL B 320 0.95 6.11 8.75
N SER B 321 1.74 5.08 8.98
CA SER B 321 1.41 4.05 9.96
C SER B 321 1.91 4.36 11.36
N CYS B 322 3.02 5.09 11.46
CA CYS B 322 3.71 5.34 12.72
C CYS B 322 4.54 6.62 12.63
N LEU B 323 4.85 7.20 13.79
CA LEU B 323 5.35 8.54 13.95
C LEU B 323 5.97 8.64 15.33
N GLY B 324 7.18 9.18 15.46
CA GLY B 324 7.83 9.35 16.76
C GLY B 324 8.82 10.51 16.78
N VAL B 325 8.72 11.38 17.77
CA VAL B 325 9.68 12.44 18.04
C VAL B 325 10.84 11.87 18.86
N THR B 326 12.08 12.27 18.59
CA THR B 326 13.25 11.78 19.35
C THR B 326 13.18 12.17 20.82
N ASP B 327 13.85 11.42 21.69
CA ASP B 327 13.82 11.66 23.14
C ASP B 327 14.42 13.03 23.54
N ASP B 328 15.31 13.58 22.72
CA ASP B 328 15.90 14.92 22.87
C ASP B 328 15.21 15.99 22.00
N GLY B 329 14.14 15.66 21.30
CA GLY B 329 13.36 16.57 20.46
C GLY B 329 13.98 16.95 19.12
N MET B 330 15.20 16.52 18.80
CA MET B 330 15.95 16.93 17.59
C MET B 330 15.37 16.50 16.25
N ALA B 331 14.41 15.57 16.18
CA ALA B 331 13.77 15.16 14.93
C ALA B 331 12.44 14.47 15.18
N VAL B 332 11.63 14.32 14.13
CA VAL B 332 10.55 13.33 14.08
C VAL B 332 10.82 12.36 12.94
N ALA B 333 10.58 11.08 13.16
CA ALA B 333 10.60 10.06 12.11
C ALA B 333 9.18 9.58 11.87
N THR B 334 8.83 9.34 10.61
CA THR B 334 7.50 8.91 10.20
C THR B 334 7.61 7.75 9.25
N GLY B 335 6.94 6.64 9.54
CA GLY B 335 6.87 5.45 8.69
C GLY B 335 5.56 5.34 7.94
N SER B 336 5.50 4.49 6.93
CA SER B 336 4.33 4.39 6.07
C SER B 336 4.20 3.04 5.39
N TRP B 337 2.99 2.76 4.93
CA TRP B 337 2.72 1.62 4.07
C TRP B 337 3.40 1.70 2.70
N ASP B 338 3.98 2.83 2.31
CA ASP B 338 4.85 2.92 1.13
C ASP B 338 6.22 2.25 1.32
N SER B 339 6.55 1.79 2.53
CA SER B 339 7.77 1.11 2.97
C SER B 339 9.00 1.97 3.21
N PHE B 340 8.87 3.29 3.32
CA PHE B 340 9.98 4.19 3.60
C PHE B 340 9.82 4.86 4.97
N LEU B 341 10.94 5.17 5.63
CA LEU B 341 11.00 6.04 6.81
C LEU B 341 11.63 7.37 6.46
N LYS B 342 10.96 8.47 6.79
CA LYS B 342 11.45 9.82 6.54
C LYS B 342 11.63 10.56 7.84
N ILE B 343 12.74 11.29 7.96
CA ILE B 343 13.16 11.98 9.18
C ILE B 343 13.12 13.47 8.92
N TRP B 344 12.60 14.29 9.85
CA TRP B 344 12.24 15.68 9.58
C TRP B 344 12.80 16.68 10.58
N ASN B 345 13.10 17.89 10.11
CA ASN B 345 13.47 19.12 10.82
C ASN B 345 13.01 20.40 10.13
N THR C 6 -26.51 -16.34 37.41
CA THR C 6 -25.52 -16.33 36.30
C THR C 6 -24.44 -15.27 36.56
N ALA C 7 -23.27 -15.42 35.92
CA ALA C 7 -22.05 -14.64 36.23
C ALA C 7 -22.16 -13.11 35.98
N SER C 8 -23.15 -12.66 35.22
CA SER C 8 -23.43 -11.23 34.99
C SER C 8 -23.62 -10.42 36.27
N ILE C 9 -24.06 -11.02 37.38
CA ILE C 9 -24.11 -10.33 38.69
C ILE C 9 -22.73 -9.87 39.15
N ALA C 10 -21.71 -10.72 39.07
CA ALA C 10 -20.35 -10.39 39.46
C ALA C 10 -19.72 -9.37 38.51
N GLN C 11 -20.01 -9.47 37.21
CA GLN C 11 -19.54 -8.51 36.20
C GLN C 11 -20.10 -7.10 36.46
N ALA C 12 -21.41 -6.98 36.67
CA ALA C 12 -22.05 -5.72 37.02
C ALA C 12 -21.59 -5.20 38.40
N ARG C 13 -21.35 -6.08 39.37
CA ARG C 13 -20.81 -5.70 40.69
C ARG C 13 -19.39 -5.14 40.58
N LYS C 14 -18.50 -5.80 39.84
CA LYS C 14 -17.13 -5.32 39.64
C LYS C 14 -17.10 -3.98 38.88
N LEU C 15 -18.00 -3.80 37.91
CA LEU C 15 -18.19 -2.53 37.23
C LEU C 15 -18.62 -1.43 38.21
N VAL C 16 -19.55 -1.70 39.12
CA VAL C 16 -19.95 -0.73 40.15
C VAL C 16 -18.80 -0.39 41.11
N GLU C 17 -17.95 -1.35 41.47
CA GLU C 17 -16.72 -1.07 42.22
C GLU C 17 -15.74 -0.16 41.44
N GLN C 18 -15.55 -0.40 40.14
CA GLN C 18 -14.72 0.47 39.30
C GLN C 18 -15.30 1.90 39.26
N LEU C 19 -16.61 2.04 39.04
CA LEU C 19 -17.26 3.35 39.01
C LEU C 19 -17.20 4.06 40.37
N LYS C 20 -17.30 3.35 41.50
CA LYS C 20 -17.01 3.92 42.83
C LYS C 20 -15.58 4.46 42.92
N MET C 21 -14.58 3.64 42.59
CA MET C 21 -13.17 4.05 42.66
C MET C 21 -12.87 5.26 41.78
N GLU C 22 -13.36 5.28 40.54
CA GLU C 22 -13.20 6.42 39.62
C GLU C 22 -14.06 7.62 40.01
N ALA C 23 -15.14 7.45 40.78
CA ALA C 23 -15.90 8.55 41.33
C ALA C 23 -15.18 9.24 42.50
N ASN C 24 -14.57 8.46 43.39
CA ASN C 24 -13.92 8.94 44.61
C ASN C 24 -12.63 9.75 44.40
N ILE C 25 -12.03 9.73 43.20
CA ILE C 25 -10.81 10.49 42.88
C ILE C 25 -11.02 12.02 43.02
N ASP C 26 -10.07 12.75 43.57
CA ASP C 26 -10.13 14.21 43.66
C ASP C 26 -9.86 14.89 42.31
N ARG C 27 -10.44 16.08 42.10
CA ARG C 27 -10.45 16.79 40.80
C ARG C 27 -10.11 18.28 40.98
N ILE C 28 -9.68 18.91 39.90
CA ILE C 28 -9.13 20.28 39.88
C ILE C 28 -9.79 21.11 38.77
N LYS C 29 -9.96 22.42 39.01
CA LYS C 29 -10.59 23.37 38.08
C LYS C 29 -9.84 23.39 36.74
N VAL C 30 -10.56 23.38 35.62
CA VAL C 30 -9.98 23.39 34.26
C VAL C 30 -9.02 24.56 34.06
N SER C 31 -9.31 25.74 34.61
CA SER C 31 -8.40 26.89 34.58
C SER C 31 -7.02 26.58 35.18
N LYS C 32 -6.94 25.90 36.33
CA LYS C 32 -5.66 25.52 36.95
C LYS C 32 -4.94 24.44 36.13
N ALA C 33 -5.68 23.45 35.64
CA ALA C 33 -5.11 22.39 34.80
C ALA C 33 -4.49 22.96 33.52
N ALA C 34 -5.20 23.85 32.82
CA ALA C 34 -4.69 24.53 31.65
C ALA C 34 -3.45 25.39 31.96
N ALA C 35 -3.45 26.14 33.08
CA ALA C 35 -2.32 26.97 33.47
C ALA C 35 -1.03 26.18 33.73
N ASP C 36 -1.11 24.93 34.18
CA ASP C 36 0.07 24.05 34.28
C ASP C 36 0.67 23.73 32.90
N LEU C 37 -0.17 23.43 31.90
CA LEU C 37 0.30 23.23 30.52
C LEU C 37 0.92 24.50 29.94
N MET C 38 0.34 25.67 30.22
CA MET C 38 0.93 26.97 29.86
C MET C 38 2.33 27.13 30.45
N ALA C 39 2.46 26.95 31.76
CA ALA C 39 3.74 27.11 32.45
C ALA C 39 4.79 26.14 31.92
N TYR C 40 4.44 24.88 31.67
CA TYR C 40 5.38 23.90 31.13
C TYR C 40 5.83 24.23 29.71
N CYS C 41 4.92 24.64 28.82
CA CYS C 41 5.28 25.08 27.48
C CYS C 41 6.22 26.29 27.52
N GLU C 42 5.83 27.36 28.21
CA GLU C 42 6.63 28.60 28.23
C GLU C 42 7.99 28.41 28.91
N ALA C 43 8.12 27.52 29.89
CA ALA C 43 9.40 27.18 30.49
C ALA C 43 10.36 26.47 29.50
N HIS C 44 9.86 25.60 28.62
CA HIS C 44 10.70 24.73 27.79
C HIS C 44 10.73 25.10 26.30
N ALA C 45 9.87 25.97 25.80
CA ALA C 45 9.80 26.33 24.38
C ALA C 45 11.12 26.87 23.81
N LYS C 46 11.95 27.51 24.66
CA LYS C 46 13.30 27.99 24.30
C LYS C 46 14.27 26.86 23.94
N GLU C 47 13.98 25.64 24.38
CA GLU C 47 14.83 24.44 24.22
C GLU C 47 14.20 23.34 23.35
N ASP C 48 13.15 23.66 22.58
CA ASP C 48 12.43 22.68 21.75
C ASP C 48 12.69 22.88 20.25
N PRO C 49 13.67 22.18 19.65
CA PRO C 49 14.21 22.52 18.34
C PRO C 49 13.24 22.36 17.16
N LEU C 50 12.06 21.76 17.33
CA LEU C 50 11.05 21.76 16.26
C LEU C 50 10.33 23.11 16.13
N LEU C 51 10.29 23.94 17.18
CA LEU C 51 9.64 25.27 17.12
C LEU C 51 10.55 26.30 16.46
N THR C 52 11.83 26.25 16.82
CA THR C 52 12.85 27.27 16.53
C THR C 52 14.11 26.58 16.00
N PRO C 53 14.24 26.43 14.67
CA PRO C 53 15.31 25.63 14.07
C PRO C 53 16.71 26.11 14.47
N VAL C 54 17.56 25.18 14.89
CA VAL C 54 18.99 25.42 15.15
C VAL C 54 19.76 25.45 13.80
N PRO C 55 20.91 26.15 13.71
CA PRO C 55 21.68 26.20 12.47
C PRO C 55 22.33 24.86 12.12
N ALA C 56 22.68 24.66 10.85
CA ALA C 56 23.19 23.38 10.33
C ALA C 56 24.53 22.92 10.95
N SER C 57 25.24 23.81 11.63
CA SER C 57 26.42 23.48 12.44
C SER C 57 26.04 22.74 13.75
N GLU C 58 24.91 23.08 14.36
CA GLU C 58 24.39 22.43 15.57
C GLU C 58 23.56 21.19 15.24
N ASN C 59 22.78 21.23 14.15
CA ASN C 59 21.86 20.15 13.77
C ASN C 59 22.59 18.93 13.15
N PRO C 60 22.58 17.73 13.75
CA PRO C 60 23.11 16.53 13.11
C PRO C 60 22.33 16.12 11.84
N PHE C 61 21.12 16.64 11.66
CA PHE C 61 20.33 16.45 10.44
C PHE C 61 20.48 17.59 9.42
N ARG C 62 21.32 18.61 9.68
CA ARG C 62 21.60 19.79 8.83
C ARG C 62 20.36 20.49 8.24
N GLY D 177 4.83 34.47 -48.92
CA GLY D 177 4.60 35.03 -47.60
C GLY D 177 3.54 34.26 -46.78
N PRO D 178 2.29 34.14 -47.26
CA PRO D 178 1.22 33.48 -46.50
C PRO D 178 1.51 32.02 -46.15
N SER D 179 1.93 31.20 -47.12
CA SER D 179 2.26 29.79 -46.87
C SER D 179 3.51 29.64 -45.99
N GLN D 180 4.49 30.55 -46.12
CA GLN D 180 5.65 30.58 -45.23
C GLN D 180 5.22 30.82 -43.78
N VAL D 181 4.36 31.81 -43.53
CA VAL D 181 3.85 32.10 -42.18
C VAL D 181 3.03 30.94 -41.64
N VAL D 182 2.10 30.40 -42.43
CA VAL D 182 1.25 29.27 -42.02
C VAL D 182 2.07 28.04 -41.64
N THR D 183 3.01 27.64 -42.49
CA THR D 183 3.87 26.50 -42.20
C THR D 183 4.78 26.76 -41.01
N ALA D 184 5.34 27.96 -40.85
CA ALA D 184 6.10 28.30 -39.66
C ALA D 184 5.30 28.15 -38.37
N CYS D 185 4.06 28.62 -38.35
CA CYS D 185 3.19 28.50 -37.17
C CYS D 185 2.88 27.03 -36.86
N LEU D 186 2.45 26.27 -37.86
CA LEU D 186 2.04 24.88 -37.67
C LEU D 186 3.21 23.99 -37.21
N LEU D 187 4.38 24.13 -37.82
CA LEU D 187 5.55 23.35 -37.43
C LEU D 187 6.06 23.78 -36.06
N THR D 188 5.98 25.07 -35.72
CA THR D 188 6.34 25.53 -34.37
C THR D 188 5.42 24.92 -33.32
N LEU D 189 4.11 24.95 -33.56
CA LEU D 189 3.12 24.32 -32.69
C LEU D 189 3.39 22.82 -32.49
N LEU D 190 3.63 22.09 -33.58
CA LEU D 190 3.90 20.66 -33.55
C LEU D 190 5.19 20.32 -32.78
N ILE D 191 6.25 21.11 -32.96
CA ILE D 191 7.50 20.96 -32.21
C ILE D 191 7.23 21.19 -30.72
N ILE D 192 6.56 22.29 -30.37
CA ILE D 192 6.31 22.63 -28.97
C ILE D 192 5.43 21.58 -28.30
N TRP D 193 4.37 21.09 -28.96
CA TRP D 193 3.56 20.01 -28.42
C TRP D 193 4.40 18.76 -28.15
N THR D 194 5.25 18.37 -29.09
CA THR D 194 6.11 17.18 -28.91
C THR D 194 7.09 17.37 -27.76
N LEU D 195 7.63 18.58 -27.62
CA LEU D 195 8.56 18.94 -26.56
C LEU D 195 7.88 18.91 -25.18
N LEU D 196 6.73 19.57 -25.05
CA LEU D 196 5.99 19.65 -23.79
C LEU D 196 5.53 18.29 -23.30
N GLY D 197 4.91 17.49 -24.17
CA GLY D 197 4.39 16.18 -23.79
C GLY D 197 5.48 15.26 -23.27
N ASN D 198 6.60 15.20 -23.96
CA ASN D 198 7.72 14.37 -23.52
C ASN D 198 8.46 14.93 -22.30
N VAL D 199 8.54 16.25 -22.15
CA VAL D 199 9.06 16.89 -20.93
C VAL D 199 8.19 16.53 -19.72
N LEU D 200 6.87 16.55 -19.82
CA LEU D 200 5.98 16.17 -18.71
C LEU D 200 6.25 14.74 -18.23
N VAL D 201 6.43 13.77 -19.13
CA VAL D 201 6.78 12.42 -18.74
C VAL D 201 8.12 12.37 -17.96
N CYS D 202 9.15 13.09 -18.42
CA CYS D 202 10.42 13.15 -17.68
C CYS D 202 10.31 13.90 -16.33
N ALA D 203 9.46 14.93 -16.25
CA ALA D 203 9.21 15.67 -15.03
C ALA D 203 8.49 14.84 -13.96
N ALA D 204 7.57 13.95 -14.38
CA ALA D 204 6.80 13.11 -13.48
C ALA D 204 7.64 11.99 -12.85
N ILE D 205 8.47 11.30 -13.63
CA ILE D 205 9.27 10.16 -13.12
C ILE D 205 10.27 10.58 -12.04
N VAL D 206 10.98 11.69 -12.24
CA VAL D 206 12.11 12.07 -11.35
C VAL D 206 11.64 12.34 -9.93
N ARG D 207 10.46 12.97 -9.75
CA ARG D 207 9.90 13.31 -8.44
C ARG D 207 9.08 12.21 -7.76
N SER D 208 8.85 11.07 -8.40
CA SER D 208 7.85 10.09 -7.94
C SER D 208 8.47 8.71 -7.74
N ARG D 209 8.82 8.38 -6.49
CA ARG D 209 9.50 7.13 -6.14
C ARG D 209 8.68 5.89 -6.46
N HIS D 210 7.35 5.95 -6.34
CA HIS D 210 6.46 4.83 -6.74
C HIS D 210 6.45 4.64 -8.26
N LEU D 211 6.45 5.72 -9.06
CA LEU D 211 6.59 5.59 -10.51
C LEU D 211 7.92 4.92 -10.88
N ARG D 212 9.03 5.30 -10.25
CA ARG D 212 10.33 4.66 -10.47
C ARG D 212 10.38 3.19 -10.04
N ALA D 213 9.63 2.82 -9.00
CA ALA D 213 9.53 1.44 -8.53
C ALA D 213 8.74 0.53 -9.48
N ASN D 214 7.72 1.04 -10.18
CA ASN D 214 6.98 0.29 -11.20
C ASN D 214 7.80 0.17 -12.49
N MET D 215 8.23 -1.05 -12.82
CA MET D 215 9.14 -1.33 -13.94
C MET D 215 8.66 -0.77 -15.28
N THR D 216 7.36 -0.82 -15.56
CA THR D 216 6.79 -0.41 -16.85
C THR D 216 7.10 1.05 -17.20
N ASN D 217 7.29 1.90 -16.19
CA ASN D 217 7.64 3.30 -16.38
C ASN D 217 9.03 3.50 -16.99
N VAL D 218 9.99 2.61 -16.75
CA VAL D 218 11.30 2.68 -17.40
C VAL D 218 11.16 2.75 -18.91
N PHE D 219 10.28 1.93 -19.50
CA PHE D 219 9.97 1.98 -20.91
C PHE D 219 9.25 3.25 -21.31
N ILE D 220 8.27 3.71 -20.53
CA ILE D 220 7.49 4.88 -20.90
C ILE D 220 8.35 6.14 -20.89
N VAL D 221 9.30 6.26 -19.97
CA VAL D 221 10.25 7.37 -19.97
C VAL D 221 11.26 7.20 -21.11
N SER D 222 11.74 6.00 -21.39
CA SER D 222 12.62 5.77 -22.54
C SER D 222 11.99 6.17 -23.87
N LEU D 223 10.70 5.87 -24.06
CA LEU D 223 9.93 6.34 -25.19
C LEU D 223 9.91 7.87 -25.21
N ALA D 224 9.59 8.50 -24.08
CA ALA D 224 9.54 9.94 -24.01
C ALA D 224 10.90 10.61 -24.25
N VAL D 225 12.01 10.02 -23.83
CA VAL D 225 13.35 10.51 -24.19
C VAL D 225 13.58 10.42 -25.68
N SER D 226 13.24 9.31 -26.31
CA SER D 226 13.36 9.17 -27.76
C SER D 226 12.56 10.22 -28.52
N ASP D 227 11.34 10.47 -28.09
CA ASP D 227 10.46 11.46 -28.67
C ASP D 227 10.90 12.90 -28.36
N LEU D 228 11.51 13.14 -27.20
CA LEU D 228 12.16 14.40 -26.87
C LEU D 228 13.38 14.67 -27.75
N PHE D 229 14.21 13.67 -28.04
CA PHE D 229 15.30 13.82 -29.00
C PHE D 229 14.76 14.13 -30.39
N VAL D 230 13.69 13.50 -30.87
CA VAL D 230 13.09 13.88 -32.16
C VAL D 230 12.72 15.36 -32.16
N ALA D 231 12.15 15.87 -31.06
CA ALA D 231 11.77 17.27 -30.97
C ALA D 231 12.95 18.25 -30.91
N LEU D 232 13.95 18.00 -30.07
CA LEU D 232 15.14 18.87 -29.99
C LEU D 232 16.13 18.72 -31.16
N LEU D 233 16.60 17.51 -31.42
CA LEU D 233 17.66 17.23 -32.37
C LEU D 233 17.25 17.35 -33.85
N VAL D 234 16.01 17.07 -34.22
CA VAL D 234 15.68 16.74 -35.63
C VAL D 234 14.63 17.66 -36.24
N MET D 235 13.42 17.69 -35.69
CA MET D 235 12.32 18.49 -36.25
C MET D 235 12.62 19.98 -36.47
N PRO D 236 13.33 20.71 -35.58
CA PRO D 236 13.42 22.16 -35.70
C PRO D 236 14.21 22.60 -36.93
N TRP D 237 15.31 21.92 -37.20
CA TRP D 237 16.20 22.23 -38.31
C TRP D 237 15.53 21.95 -39.65
N LYS D 238 14.82 20.82 -39.76
CA LYS D 238 14.00 20.54 -40.94
C LYS D 238 12.88 21.55 -41.09
N ALA D 239 12.25 21.99 -40.01
CA ALA D 239 11.23 23.03 -40.11
C ALA D 239 11.79 24.34 -40.68
N VAL D 240 12.95 24.77 -40.20
CA VAL D 240 13.67 25.94 -40.74
C VAL D 240 13.94 25.76 -42.23
N ALA D 241 14.47 24.62 -42.66
CA ALA D 241 14.73 24.36 -44.07
C ALA D 241 13.45 24.33 -44.93
N GLU D 242 12.33 23.85 -44.40
CA GLU D 242 11.05 23.90 -45.10
C GLU D 242 10.50 25.32 -45.26
N VAL D 243 10.58 26.17 -44.24
CA VAL D 243 10.13 27.56 -44.39
C VAL D 243 11.06 28.37 -45.29
N ALA D 244 12.37 28.12 -45.21
CA ALA D 244 13.40 28.78 -46.01
C ALA D 244 13.44 28.33 -47.48
N GLY D 245 13.14 27.06 -47.75
CA GLY D 245 13.26 26.45 -49.08
C GLY D 245 14.68 26.03 -49.47
N TYR D 246 15.64 26.12 -48.54
CA TYR D 246 17.04 25.72 -48.73
C TYR D 246 17.65 25.29 -47.38
N TRP D 247 18.75 24.53 -47.40
CA TRP D 247 19.41 24.04 -46.20
C TRP D 247 20.67 24.87 -45.86
N PRO D 248 20.73 25.60 -44.73
CA PRO D 248 21.89 26.41 -44.37
C PRO D 248 23.02 25.65 -43.63
N PHE D 249 22.70 24.59 -42.91
CA PHE D 249 23.57 23.98 -41.89
C PHE D 249 24.52 22.89 -42.47
N GLY D 250 25.39 23.21 -43.43
CA GLY D 250 25.89 22.18 -44.38
C GLY D 250 26.59 20.94 -43.80
N ALA D 251 27.59 21.11 -42.92
CA ALA D 251 28.27 19.95 -42.32
C ALA D 251 27.34 19.19 -41.34
N PHE D 252 26.49 19.95 -40.65
CA PHE D 252 25.42 19.40 -39.83
C PHE D 252 24.49 18.50 -40.63
N CYS D 253 24.25 18.69 -41.93
CA CYS D 253 23.39 17.77 -42.70
C CYS D 253 23.83 16.31 -42.56
N ASP D 254 25.13 16.01 -42.65
CA ASP D 254 25.54 14.61 -42.42
C ASP D 254 25.25 14.12 -40.98
N VAL D 255 25.48 14.98 -39.99
CA VAL D 255 25.17 14.62 -38.59
C VAL D 255 23.66 14.46 -38.37
N TRP D 256 22.86 15.36 -38.90
CA TRP D 256 21.42 15.38 -38.80
C TRP D 256 20.81 14.13 -39.42
N VAL D 257 21.34 13.61 -40.53
CA VAL D 257 20.88 12.33 -41.06
C VAL D 257 21.10 11.20 -40.06
N ALA D 258 22.21 11.18 -39.31
CA ALA D 258 22.38 10.18 -38.27
C ALA D 258 21.42 10.39 -37.09
N PHE D 259 21.25 11.63 -36.62
CA PHE D 259 20.32 11.91 -35.53
C PHE D 259 18.91 11.47 -35.87
N ASP D 260 18.44 11.77 -37.07
CA ASP D 260 17.11 11.39 -37.49
C ASP D 260 16.95 9.88 -37.55
N ILE D 261 17.85 9.17 -38.21
CA ILE D 261 17.70 7.72 -38.31
C ILE D 261 17.75 7.08 -36.94
N MET D 262 18.61 7.58 -36.03
CA MET D 262 18.70 7.00 -34.72
C MET D 262 17.46 7.31 -33.89
N CYS D 263 17.03 8.57 -33.73
CA CYS D 263 15.92 8.85 -32.84
C CYS D 263 14.55 8.42 -33.40
N SER D 264 14.36 8.46 -34.71
CA SER D 264 13.21 7.84 -35.35
C SER D 264 13.21 6.33 -35.13
N THR D 265 14.33 5.63 -35.32
CA THR D 265 14.40 4.20 -35.00
C THR D 265 14.20 3.93 -33.52
N ALA D 266 14.79 4.71 -32.63
CA ALA D 266 14.64 4.53 -31.20
C ALA D 266 13.19 4.68 -30.78
N SER D 267 12.44 5.60 -31.37
CA SER D 267 11.04 5.78 -31.03
C SER D 267 10.24 4.53 -31.41
N ILE D 268 10.42 4.01 -32.62
CA ILE D 268 9.77 2.76 -33.02
C ILE D 268 10.18 1.59 -32.14
N LEU D 269 11.47 1.39 -31.88
CA LEU D 269 11.93 0.27 -31.07
C LEU D 269 11.46 0.36 -29.61
N ASN D 270 11.27 1.56 -29.06
CA ASN D 270 10.67 1.71 -27.74
C ASN D 270 9.22 1.25 -27.74
N LEU D 271 8.41 1.54 -28.76
CA LEU D 271 7.06 1.00 -28.88
C LEU D 271 7.05 -0.51 -28.96
N CYS D 272 7.95 -1.11 -29.73
CA CYS D 272 8.06 -2.56 -29.83
C CYS D 272 8.44 -3.22 -28.49
N VAL D 273 9.38 -2.62 -27.75
CA VAL D 273 9.75 -3.07 -26.41
C VAL D 273 8.59 -2.98 -25.43
N ILE D 274 7.80 -1.89 -25.44
CA ILE D 274 6.60 -1.79 -24.62
C ILE D 274 5.62 -2.92 -24.93
N SER D 275 5.37 -3.27 -26.19
CA SER D 275 4.53 -4.41 -26.53
C SER D 275 5.05 -5.72 -25.99
N VAL D 276 6.36 -5.97 -26.04
CA VAL D 276 6.90 -7.21 -25.49
C VAL D 276 6.84 -7.25 -23.97
N ASP D 277 6.99 -6.13 -23.27
CA ASP D 277 6.77 -6.07 -21.83
C ASP D 277 5.31 -6.40 -21.48
N ARG D 278 4.33 -5.75 -22.13
CA ARG D 278 2.91 -6.00 -21.90
C ARG D 278 2.51 -7.42 -22.23
N TYR D 279 3.07 -7.99 -23.28
CA TYR D 279 2.80 -9.36 -23.63
C TYR D 279 3.41 -10.32 -22.64
N TRP D 280 4.62 -10.12 -22.16
CA TRP D 280 5.24 -10.99 -21.17
C TRP D 280 4.44 -11.00 -19.86
N ALA D 281 4.04 -9.82 -19.39
CA ALA D 281 3.23 -9.66 -18.21
C ALA D 281 1.89 -10.39 -18.27
N ILE D 282 1.13 -10.23 -19.36
CA ILE D 282 -0.17 -10.88 -19.54
C ILE D 282 -0.03 -12.38 -19.85
N SER D 283 0.94 -12.77 -20.66
CA SER D 283 1.12 -14.15 -21.09
C SER D 283 1.61 -15.09 -20.01
N ARG D 284 2.54 -14.64 -19.16
CA ARG D 284 3.26 -15.51 -18.21
C ARG D 284 3.34 -14.82 -16.85
N PRO D 285 2.23 -14.71 -16.09
CA PRO D 285 2.10 -13.73 -15.02
C PRO D 285 3.02 -14.01 -13.83
N PHE D 286 3.17 -15.28 -13.44
CA PHE D 286 4.05 -15.66 -12.35
C PHE D 286 5.52 -15.46 -12.72
N ARG D 287 5.94 -15.95 -13.89
CA ARG D 287 7.32 -15.82 -14.39
C ARG D 287 7.71 -14.36 -14.58
N TYR D 288 6.80 -13.50 -15.03
CA TYR D 288 7.04 -12.06 -15.06
C TYR D 288 7.29 -11.47 -13.68
N LYS D 289 6.40 -11.69 -12.70
CA LYS D 289 6.61 -11.18 -11.33
C LYS D 289 7.94 -11.63 -10.72
N ARG D 290 8.31 -12.89 -10.94
CA ARG D 290 9.58 -13.44 -10.47
C ARG D 290 10.79 -12.82 -11.17
N LYS D 291 10.87 -12.89 -12.50
CA LYS D 291 12.08 -12.54 -13.28
C LYS D 291 12.20 -11.09 -13.72
N MET D 292 11.13 -10.29 -13.71
CA MET D 292 11.22 -8.88 -14.09
C MET D 292 11.81 -8.03 -12.95
N THR D 293 12.82 -7.23 -13.27
CA THR D 293 13.61 -6.41 -12.33
C THR D 293 14.04 -5.10 -12.99
N GLN D 294 14.53 -4.14 -12.21
CA GLN D 294 15.05 -2.89 -12.79
C GLN D 294 16.24 -3.17 -13.73
N ARG D 295 17.05 -4.19 -13.43
CA ARG D 295 18.12 -4.67 -14.30
C ARG D 295 17.58 -5.20 -15.63
N MET D 296 16.54 -6.02 -15.60
CA MET D 296 15.93 -6.55 -16.82
C MET D 296 15.29 -5.44 -17.67
N ALA D 297 14.55 -4.51 -17.06
CA ALA D 297 13.98 -3.38 -17.76
C ALA D 297 15.06 -2.54 -18.45
N LEU D 298 16.13 -2.23 -17.74
CA LEU D 298 17.22 -1.42 -18.24
C LEU D 298 17.99 -2.12 -19.37
N VAL D 299 18.15 -3.44 -19.35
CA VAL D 299 18.75 -4.19 -20.46
C VAL D 299 17.89 -4.13 -21.72
N MET D 300 16.57 -4.28 -21.61
CA MET D 300 15.68 -4.19 -22.77
C MET D 300 15.75 -2.80 -23.41
N VAL D 301 15.65 -1.73 -22.62
CA VAL D 301 15.82 -0.36 -23.12
C VAL D 301 17.20 -0.13 -23.73
N GLY D 302 18.25 -0.59 -23.07
CA GLY D 302 19.61 -0.43 -23.54
C GLY D 302 19.84 -1.08 -24.89
N LEU D 303 19.23 -2.23 -25.16
CA LEU D 303 19.30 -2.86 -26.48
C LEU D 303 18.52 -2.11 -27.55
N ALA D 304 17.36 -1.53 -27.23
CA ALA D 304 16.64 -0.69 -28.19
C ALA D 304 17.46 0.54 -28.62
N TRP D 305 18.02 1.28 -27.67
CA TRP D 305 18.90 2.41 -27.99
C TRP D 305 20.17 1.97 -28.69
N THR D 306 20.83 0.89 -28.25
CA THR D 306 22.01 0.36 -28.91
C THR D 306 21.76 0.05 -30.37
N LEU D 307 20.68 -0.68 -30.70
CA LEU D 307 20.39 -1.00 -32.09
C LEU D 307 20.09 0.25 -32.93
N SER D 308 19.41 1.24 -32.37
CA SER D 308 19.13 2.50 -33.09
C SER D 308 20.40 3.33 -33.36
N ILE D 309 21.37 3.28 -32.44
CA ILE D 309 22.69 3.89 -32.59
C ILE D 309 23.49 3.17 -33.65
N LEU D 310 23.58 1.84 -33.59
CA LEU D 310 24.37 1.07 -34.53
C LEU D 310 23.87 1.23 -35.96
N ILE D 311 22.57 1.08 -36.21
CA ILE D 311 22.02 1.26 -37.56
C ILE D 311 22.27 2.65 -38.10
N SER D 312 22.07 3.68 -37.28
CA SER D 312 22.27 5.02 -37.81
C SER D 312 23.72 5.41 -38.00
N PHE D 313 24.51 5.32 -36.94
CA PHE D 313 25.83 5.91 -36.95
C PHE D 313 26.84 5.16 -37.77
N ILE D 314 26.88 3.84 -37.67
CA ILE D 314 27.92 3.13 -38.39
C ILE D 314 27.70 3.27 -39.89
N PRO D 315 26.52 3.01 -40.45
CA PRO D 315 26.28 3.27 -41.85
C PRO D 315 26.49 4.72 -42.30
N VAL D 316 26.09 5.72 -41.50
CA VAL D 316 26.26 7.11 -41.93
C VAL D 316 27.72 7.54 -41.90
N GLN D 317 28.47 7.19 -40.87
CA GLN D 317 29.89 7.58 -40.78
C GLN D 317 30.77 6.80 -41.78
N LEU D 318 30.47 5.53 -42.04
CA LEU D 318 31.08 4.78 -43.13
C LEU D 318 30.55 5.16 -44.52
N ASN D 319 29.63 6.13 -44.63
CA ASN D 319 29.04 6.58 -45.89
C ASN D 319 28.43 5.43 -46.73
N TRP D 320 27.83 4.45 -46.05
CA TRP D 320 27.09 3.34 -46.65
C TRP D 320 25.65 3.69 -47.01
N HIS D 321 25.10 4.73 -46.38
CA HIS D 321 23.71 5.16 -46.60
C HIS D 321 23.54 5.86 -47.95
N ARG D 322 24.42 6.79 -48.31
CA ARG D 322 24.44 7.47 -49.62
C ARG D 322 25.02 6.55 -50.70
N ASP D 323 24.37 6.51 -51.86
CA ASP D 323 24.91 5.88 -53.07
C ASP D 323 25.88 6.83 -53.79
N GLU D 355 21.60 26.06 -51.30
CA GLU D 355 22.16 24.82 -50.78
C GLU D 355 21.09 23.81 -50.34
N ASN D 356 21.44 22.53 -50.30
CA ASN D 356 20.52 21.42 -50.03
C ASN D 356 21.21 20.30 -49.24
N CYS D 357 20.43 19.54 -48.47
CA CYS D 357 20.88 18.39 -47.70
C CYS D 357 20.43 17.10 -48.38
N ASP D 358 21.38 16.25 -48.76
CA ASP D 358 21.08 14.99 -49.46
C ASP D 358 20.66 13.88 -48.49
N SER D 359 19.36 13.75 -48.31
CA SER D 359 18.72 12.67 -47.56
C SER D 359 18.38 11.43 -48.41
N SER D 360 18.72 11.41 -49.71
CA SER D 360 18.47 10.22 -50.54
C SER D 360 19.38 9.05 -50.14
N LEU D 361 18.91 7.82 -50.35
CA LEU D 361 19.54 6.60 -49.84
C LEU D 361 19.85 5.58 -50.94
N ASN D 362 20.89 4.79 -50.71
CA ASN D 362 21.22 3.57 -51.44
C ASN D 362 20.09 2.54 -51.31
N ARG D 363 19.77 1.81 -52.39
CA ARG D 363 18.68 0.81 -52.43
C ARG D 363 18.81 -0.27 -51.35
N THR D 364 19.98 -0.88 -51.23
CA THR D 364 20.24 -1.91 -50.21
C THR D 364 20.08 -1.36 -48.80
N TYR D 365 20.68 -0.22 -48.50
CA TYR D 365 20.54 0.37 -47.18
C TYR D 365 19.10 0.77 -46.87
N ALA D 366 18.38 1.37 -47.82
CA ALA D 366 17.01 1.76 -47.58
C ALA D 366 16.11 0.58 -47.23
N ILE D 367 16.19 -0.51 -47.98
CA ILE D 367 15.39 -1.69 -47.68
C ILE D 367 15.84 -2.33 -46.36
N SER D 368 17.14 -2.58 -46.18
CA SER D 368 17.66 -3.22 -44.98
C SER D 368 17.34 -2.45 -43.69
N SER D 369 17.55 -1.13 -43.73
CA SER D 369 17.21 -0.24 -42.64
C SER D 369 15.71 -0.19 -42.36
N SER D 370 14.87 -0.26 -43.39
CA SER D 370 13.41 -0.33 -43.18
C SER D 370 12.98 -1.65 -42.54
N LEU D 371 13.62 -2.77 -42.87
CA LEU D 371 13.30 -4.04 -42.22
C LEU D 371 13.63 -4.00 -40.73
N ILE D 372 14.84 -3.58 -40.37
CA ILE D 372 15.26 -3.56 -38.97
C ILE D 372 14.50 -2.49 -38.20
N SER D 373 14.42 -1.27 -38.71
CA SER D 373 13.76 -0.19 -38.00
C SER D 373 12.25 -0.26 -37.96
N PHE D 374 11.57 -0.81 -38.96
CA PHE D 374 10.10 -0.81 -39.02
C PHE D 374 9.46 -2.17 -39.26
N TYR D 375 9.76 -2.89 -40.34
CA TYR D 375 8.94 -4.04 -40.68
C TYR D 375 9.05 -5.22 -39.71
N ILE D 376 10.23 -5.51 -39.15
CA ILE D 376 10.33 -6.49 -38.06
C ILE D 376 9.61 -6.00 -36.79
N PRO D 377 9.85 -4.78 -36.27
CA PRO D 377 9.15 -4.34 -35.08
C PRO D 377 7.65 -4.23 -35.24
N VAL D 378 7.07 -3.85 -36.38
CA VAL D 378 5.61 -3.91 -36.55
C VAL D 378 5.10 -5.34 -36.61
N ALA D 379 5.84 -6.30 -37.15
CA ALA D 379 5.43 -7.70 -37.10
C ALA D 379 5.37 -8.20 -35.65
N ILE D 380 6.36 -7.86 -34.81
CA ILE D 380 6.33 -8.20 -33.38
C ILE D 380 5.16 -7.51 -32.67
N MET D 381 4.89 -6.23 -32.93
CA MET D 381 3.73 -5.56 -32.35
C MET D 381 2.40 -6.19 -32.76
N ILE D 382 2.24 -6.61 -34.00
CA ILE D 382 1.04 -7.32 -34.45
C ILE D 382 0.88 -8.64 -33.72
N VAL D 383 1.92 -9.46 -33.61
CA VAL D 383 1.81 -10.74 -32.91
C VAL D 383 1.49 -10.53 -31.44
N THR D 384 2.26 -9.69 -30.74
CA THR D 384 2.05 -9.46 -29.32
C THR D 384 0.69 -8.86 -29.02
N TYR D 385 0.23 -7.82 -29.70
CA TYR D 385 -1.11 -7.30 -29.44
C TYR D 385 -2.24 -8.24 -29.89
N THR D 386 -2.07 -9.05 -30.93
CA THR D 386 -3.07 -10.08 -31.28
C THR D 386 -3.21 -11.11 -30.17
N ARG D 387 -2.11 -11.64 -29.62
CA ARG D 387 -2.21 -12.60 -28.51
C ARG D 387 -2.79 -11.97 -27.24
N ILE D 388 -2.47 -10.71 -26.95
CA ILE D 388 -3.10 -9.97 -25.84
C ILE D 388 -4.60 -9.86 -26.05
N TYR D 389 -5.09 -9.60 -27.26
CA TYR D 389 -6.52 -9.56 -27.54
C TYR D 389 -7.19 -10.91 -27.27
N ARG D 390 -6.59 -12.02 -27.70
CA ARG D 390 -7.14 -13.35 -27.43
C ARG D 390 -7.21 -13.68 -25.94
N ILE D 391 -6.15 -13.39 -25.17
CA ILE D 391 -6.14 -13.57 -23.71
C ILE D 391 -7.19 -12.68 -23.03
N ALA D 392 -7.32 -11.42 -23.42
CA ALA D 392 -8.35 -10.54 -22.87
C ALA D 392 -9.77 -11.01 -23.20
N GLN D 393 -10.01 -11.60 -24.38
CA GLN D 393 -11.31 -12.18 -24.71
C GLN D 393 -11.65 -13.38 -23.85
N VAL D 394 -10.70 -14.26 -23.54
CA VAL D 394 -10.95 -15.36 -22.59
C VAL D 394 -11.38 -14.84 -21.23
N GLN D 395 -10.65 -13.90 -20.64
CA GLN D 395 -11.03 -13.34 -19.33
C GLN D 395 -12.37 -12.60 -19.38
N ILE D 396 -12.69 -11.86 -20.43
CA ILE D 396 -13.99 -11.18 -20.54
C ILE D 396 -15.14 -12.18 -20.68
N ARG D 397 -14.98 -13.32 -21.34
CA ARG D 397 -16.03 -14.34 -21.35
C ARG D 397 -16.32 -14.87 -19.95
N ARG D 398 -15.27 -15.17 -19.18
CA ARG D 398 -15.42 -15.64 -17.79
C ARG D 398 -16.14 -14.62 -16.90
N ILE D 399 -15.71 -13.36 -16.93
CA ILE D 399 -16.37 -12.30 -16.17
C ILE D 399 -17.83 -12.16 -16.59
N SER D 400 -18.09 -12.12 -17.89
CA SER D 400 -19.43 -11.93 -18.44
C SER D 400 -20.39 -13.05 -18.05
N SER D 401 -19.93 -14.30 -18.03
CA SER D 401 -20.71 -15.43 -17.51
C SER D 401 -21.17 -15.23 -16.07
N LEU D 402 -20.28 -14.83 -15.15
CA LEU D 402 -20.65 -14.65 -13.75
C LEU D 402 -21.56 -13.43 -13.56
N GLU D 403 -21.32 -12.33 -14.27
CA GLU D 403 -22.23 -11.18 -14.27
C GLU D 403 -23.62 -11.55 -14.76
N ARG D 404 -23.71 -12.30 -15.86
CA ARG D 404 -24.98 -12.79 -16.42
C ARG D 404 -25.73 -13.69 -15.46
N ALA D 405 -25.05 -14.62 -14.80
CA ALA D 405 -25.65 -15.46 -13.77
C ALA D 405 -26.20 -14.63 -12.60
N ALA D 406 -25.45 -13.63 -12.12
CA ALA D 406 -25.94 -12.76 -11.07
C ALA D 406 -27.18 -11.96 -11.48
N GLU D 407 -27.22 -11.40 -12.69
CA GLU D 407 -28.41 -10.69 -13.18
C GLU D 407 -29.61 -11.63 -13.36
N HIS D 408 -29.39 -12.81 -13.91
CA HIS D 408 -30.43 -13.81 -14.07
C HIS D 408 -31.05 -14.20 -12.73
N ALA D 409 -30.21 -14.53 -11.74
CA ALA D 409 -30.65 -14.89 -10.40
C ALA D 409 -31.34 -13.73 -9.67
N GLN D 410 -30.91 -12.50 -9.90
CA GLN D 410 -31.53 -11.29 -9.34
C GLN D 410 -32.92 -11.00 -9.93
N SER D 411 -33.16 -11.36 -11.20
CA SER D 411 -34.44 -11.13 -11.87
C SER D 411 -35.61 -11.89 -11.26
N LYS D 429 -20.44 -6.03 -24.43
CA LYS D 429 -20.09 -4.65 -24.75
C LYS D 429 -18.68 -4.28 -24.29
N LYS D 430 -18.16 -4.90 -23.22
CA LYS D 430 -16.81 -4.66 -22.68
C LYS D 430 -15.68 -4.96 -23.68
N GLU D 431 -15.91 -5.91 -24.59
CA GLU D 431 -15.01 -6.21 -25.70
C GLU D 431 -14.68 -4.96 -26.53
N THR D 432 -15.62 -4.01 -26.66
CA THR D 432 -15.36 -2.74 -27.34
C THR D 432 -14.29 -1.90 -26.63
N LYS D 433 -14.15 -1.97 -25.29
CA LYS D 433 -13.04 -1.30 -24.60
C LYS D 433 -11.69 -1.88 -25.01
N VAL D 434 -11.59 -3.21 -25.14
CA VAL D 434 -10.34 -3.83 -25.60
C VAL D 434 -10.05 -3.40 -27.03
N LEU D 435 -11.05 -3.46 -27.93
CA LEU D 435 -10.88 -3.05 -29.32
C LEU D 435 -10.50 -1.59 -29.45
N LYS D 436 -11.11 -0.69 -28.68
CA LYS D 436 -10.76 0.72 -28.69
C LYS D 436 -9.32 0.94 -28.27
N THR D 437 -8.88 0.37 -27.16
CA THR D 437 -7.51 0.57 -26.70
C THR D 437 -6.50 0.04 -27.72
N LEU D 438 -6.68 -1.19 -28.20
CA LEU D 438 -5.71 -1.76 -29.15
C LEU D 438 -5.77 -1.10 -30.52
N SER D 439 -6.94 -0.66 -30.98
CA SER D 439 -7.08 0.05 -32.25
C SER D 439 -6.50 1.44 -32.21
N VAL D 440 -6.52 2.15 -31.09
CA VAL D 440 -5.73 3.38 -30.96
C VAL D 440 -4.24 3.11 -31.01
N ILE D 441 -3.74 2.13 -30.25
CA ILE D 441 -2.31 1.85 -30.20
C ILE D 441 -1.76 1.43 -31.56
N MET D 442 -2.38 0.46 -32.21
CA MET D 442 -1.96 0.00 -33.53
C MET D 442 -2.35 0.95 -34.64
N GLY D 443 -3.52 1.57 -34.54
CA GLY D 443 -4.01 2.46 -35.56
C GLY D 443 -3.13 3.69 -35.72
N VAL D 444 -2.81 4.38 -34.63
CA VAL D 444 -1.95 5.56 -34.72
C VAL D 444 -0.54 5.20 -35.18
N PHE D 445 0.06 4.15 -34.62
CA PHE D 445 1.40 3.74 -35.02
C PHE D 445 1.50 3.35 -36.49
N VAL D 446 0.61 2.49 -36.97
CA VAL D 446 0.66 2.01 -38.35
C VAL D 446 0.25 3.10 -39.32
N CYS D 447 -0.74 3.94 -39.01
CA CYS D 447 -1.09 5.02 -39.93
C CYS D 447 0.05 5.96 -40.20
N CYS D 448 0.79 6.40 -39.18
CA CYS D 448 1.88 7.37 -39.39
C CYS D 448 3.10 6.75 -40.09
N TRP D 449 3.58 5.64 -39.55
CA TRP D 449 4.78 5.04 -40.07
C TRP D 449 4.63 4.27 -41.36
N LEU D 450 3.52 3.58 -41.60
CA LEU D 450 3.41 2.73 -42.78
C LEU D 450 3.48 3.50 -44.10
N PRO D 451 2.83 4.66 -44.27
CA PRO D 451 3.02 5.44 -45.48
C PRO D 451 4.47 5.83 -45.69
N PHE D 452 5.15 6.33 -44.66
CA PHE D 452 6.56 6.67 -44.85
C PHE D 452 7.41 5.47 -45.24
N PHE D 453 7.34 4.35 -44.53
CA PHE D 453 8.22 3.23 -44.81
C PHE D 453 7.98 2.56 -46.15
N ILE D 454 6.75 2.57 -46.66
CA ILE D 454 6.50 2.12 -48.04
C ILE D 454 7.20 3.06 -49.03
N LEU D 455 7.01 4.37 -48.93
CA LEU D 455 7.69 5.30 -49.83
C LEU D 455 9.22 5.20 -49.72
N ASN D 456 9.75 5.04 -48.51
CA ASN D 456 11.18 4.91 -48.28
C ASN D 456 11.78 3.74 -49.02
N CYS D 457 11.06 2.63 -49.17
CA CYS D 457 11.49 1.55 -50.05
C CYS D 457 11.33 1.88 -51.54
N MET D 458 10.16 2.40 -51.94
CA MET D 458 9.89 2.65 -53.35
C MET D 458 10.84 3.65 -53.99
N VAL D 459 11.03 4.81 -53.37
CA VAL D 459 11.75 5.92 -53.97
C VAL D 459 13.19 5.56 -54.32
N PRO D 460 14.01 4.97 -53.44
CA PRO D 460 15.34 4.56 -53.86
C PRO D 460 15.31 3.41 -54.85
N PHE D 461 14.35 2.49 -54.76
CA PHE D 461 14.29 1.39 -55.72
C PHE D 461 13.98 1.87 -57.15
N CYS D 462 13.10 2.87 -57.30
CA CYS D 462 12.73 3.50 -58.56
C CYS D 462 13.88 4.27 -59.23
N SER D 463 14.80 4.85 -58.44
CA SER D 463 15.92 5.67 -58.95
C SER D 463 16.70 5.01 -60.08
N CYS D 475 9.78 7.18 -57.66
CA CYS D 475 8.47 7.10 -58.30
C CYS D 475 7.49 8.20 -57.85
N VAL D 476 7.87 9.05 -56.89
CA VAL D 476 6.94 9.89 -56.11
C VAL D 476 7.43 11.34 -55.97
N SER D 477 6.48 12.29 -56.03
CA SER D 477 6.76 13.73 -55.86
C SER D 477 7.37 14.05 -54.50
N GLU D 478 8.40 14.89 -54.46
CA GLU D 478 9.11 15.18 -53.21
C GLU D 478 8.22 15.85 -52.15
N THR D 479 7.24 16.66 -52.55
CA THR D 479 6.25 17.23 -51.62
C THR D 479 5.47 16.14 -50.87
N THR D 480 5.06 15.09 -51.57
CA THR D 480 4.36 13.92 -50.99
C THR D 480 5.26 13.20 -49.99
N PHE D 481 6.54 13.04 -50.34
CA PHE D 481 7.50 12.43 -49.43
C PHE D 481 7.65 13.26 -48.15
N ASP D 482 7.82 14.57 -48.26
CA ASP D 482 7.96 15.45 -47.10
C ASP D 482 6.74 15.44 -46.19
N VAL D 483 5.51 15.39 -46.72
CA VAL D 483 4.35 15.29 -45.82
C VAL D 483 4.34 13.96 -45.06
N PHE D 484 4.65 12.83 -45.68
CA PHE D 484 4.67 11.56 -44.95
C PHE D 484 5.82 11.48 -43.94
N VAL D 485 6.96 12.11 -44.20
CA VAL D 485 8.01 12.29 -43.20
C VAL D 485 7.46 13.01 -41.96
N TRP D 486 6.77 14.13 -42.16
CA TRP D 486 6.17 14.86 -41.04
C TRP D 486 5.11 14.06 -40.28
N PHE D 487 4.36 13.15 -40.92
CA PHE D 487 3.51 12.22 -40.20
C PHE D 487 4.30 11.26 -39.29
N GLY D 488 5.47 10.76 -39.70
CA GLY D 488 6.28 9.92 -38.82
C GLY D 488 6.65 10.63 -37.51
N TRP D 489 7.15 11.86 -37.60
CA TRP D 489 7.44 12.62 -36.39
C TRP D 489 6.16 13.03 -35.64
N ALA D 490 5.04 13.27 -36.30
CA ALA D 490 3.78 13.53 -35.62
C ALA D 490 3.39 12.39 -34.66
N ASN D 491 3.64 11.12 -35.02
CA ASN D 491 3.45 10.01 -34.10
C ASN D 491 4.23 10.22 -32.79
N SER D 492 5.43 10.78 -32.84
CA SER D 492 6.20 11.07 -31.62
C SER D 492 5.48 11.99 -30.63
N SER D 493 4.66 12.91 -31.12
CA SER D 493 3.80 13.76 -30.27
C SER D 493 2.61 13.00 -29.66
N LEU D 494 2.03 12.07 -30.41
CA LEU D 494 0.97 11.19 -29.94
C LEU D 494 1.45 10.14 -28.96
N ASN D 495 2.69 9.69 -29.06
CA ASN D 495 3.24 8.68 -28.18
C ASN D 495 3.08 9.03 -26.69
N PRO D 496 3.45 10.22 -26.20
CA PRO D 496 3.18 10.53 -24.80
C PRO D 496 1.68 10.61 -24.45
N VAL D 497 0.81 11.04 -25.38
CA VAL D 497 -0.64 10.98 -25.12
C VAL D 497 -1.13 9.55 -24.91
N ILE D 498 -0.77 8.62 -25.79
CA ILE D 498 -1.30 7.26 -25.76
C ILE D 498 -0.74 6.48 -24.57
N TYR D 499 0.59 6.47 -24.40
CA TYR D 499 1.28 5.73 -23.36
C TYR D 499 1.26 6.26 -21.93
N ALA D 500 1.25 7.59 -21.72
CA ALA D 500 1.48 8.17 -20.39
C ALA D 500 0.28 8.93 -19.78
N PHE D 501 -0.91 8.87 -20.39
CA PHE D 501 -2.12 9.50 -19.85
C PHE D 501 -2.84 8.67 -18.75
N ASN D 502 -2.28 7.51 -18.37
CA ASN D 502 -2.78 6.66 -17.28
C ASN D 502 -2.91 7.43 -15.95
N ALA D 503 -3.84 7.01 -15.10
CA ALA D 503 -4.24 7.78 -13.91
C ALA D 503 -3.10 8.06 -12.90
N ASP D 504 -2.13 7.16 -12.75
CA ASP D 504 -0.96 7.38 -11.88
C ASP D 504 -0.05 8.51 -12.39
N PHE D 505 0.30 8.53 -13.66
CA PHE D 505 0.93 9.69 -14.29
C PHE D 505 0.02 10.92 -14.23
N GLN D 506 -1.26 10.79 -14.57
CA GLN D 506 -2.18 11.93 -14.65
C GLN D 506 -2.34 12.64 -13.30
N LYS D 507 -2.34 11.88 -12.20
CA LYS D 507 -2.25 12.43 -10.84
C LYS D 507 -0.96 13.20 -10.65
N VAL D 508 0.20 12.62 -10.98
CA VAL D 508 1.49 13.30 -10.80
C VAL D 508 1.58 14.57 -11.64
N PHE D 509 1.07 14.59 -12.87
CA PHE D 509 0.99 15.82 -13.66
C PHE D 509 0.14 16.88 -12.94
N ALA D 510 -1.05 16.53 -12.45
CA ALA D 510 -1.91 17.49 -11.74
C ALA D 510 -1.25 18.01 -10.45
N GLN D 511 -0.57 17.14 -9.70
CA GLN D 511 0.15 17.47 -8.48
C GLN D 511 1.34 18.41 -8.72
N LEU D 512 2.09 18.20 -9.80
CA LEU D 512 3.18 19.09 -10.21
C LEU D 512 2.65 20.45 -10.68
N LEU D 513 1.64 20.45 -11.55
CA LEU D 513 1.12 21.66 -12.19
C LEU D 513 0.29 22.55 -11.25
N GLY D 514 -0.47 21.96 -10.32
CA GLY D 514 -1.32 22.69 -9.38
C GLY D 514 -2.46 23.48 -10.03
#